data_6X1B
#
_entry.id   6X1B
#
_cell.length_a   150.875
_cell.length_b   150.875
_cell.length_c   111.730
_cell.angle_alpha   90.000
_cell.angle_beta   90.000
_cell.angle_gamma   120.000
#
_symmetry.space_group_name_H-M   'P 63'
#
loop_
_entity.id
_entity.type
_entity.pdbx_description
1 polymer 'Uridylate-specific endoribonuclease'
2 polymer "DNA (5'-R(*GP*U)-3')"
3 non-polymer 'PHOSPHATE ION'
4 non-polymer 1,2-ETHANEDIOL
5 water water
#
loop_
_entity_poly.entity_id
_entity_poly.type
_entity_poly.pdbx_seq_one_letter_code
_entity_poly.pdbx_strand_id
1 'polypeptide(L)'
;MHHHHHHSSGVDLGTENLYFQSNMSLENVAFNVVNKGHFDGQQGEVPVSIINNTVYTKVDGVDVELFENKTTLPVNVAFE
LWAKRNIKPVPEVKILNNLGVDIAANTVIWDYKRDAPAHISTIGVCSMTDIAKKPTETICAPLTVFFDGRVDGQVDLFRN
ARNGVLITEGSVKGLQPSVGPKQASLNGVTLIGEAVKTQFNYYKKVDGVVQQLPETYFTQSRNLQEFKPRSQMEIDFLEL
AMDEFIERYKLEGYAFEHIVYGDFSHSQLGGLHLLIGLAKRFKESPFELEDFIPMDSTVKNYFITDAQTGSSKCVCSVID
LLLDDFVEIIKSQDLSVVSKVVKVTIDYTEISFMLWCKDGHVETFYPKLQ
;
A,B
2 'polyribonucleotide' GU D,F
#
# COMPACT_ATOMS: atom_id res chain seq x y z
N ASN A 23 -7.94 -12.88 7.21
CA ASN A 23 -9.04 -13.35 8.04
C ASN A 23 -10.30 -13.56 7.21
N MET A 24 -11.43 -13.74 7.89
CA MET A 24 -12.74 -13.97 7.26
C MET A 24 -12.62 -15.23 6.40
N SER A 25 -13.16 -15.23 5.18
CA SER A 25 -13.09 -16.41 4.33
C SER A 25 -13.38 -16.00 2.89
N LEU A 26 -12.55 -16.48 1.96
CA LEU A 26 -12.82 -16.25 0.55
C LEU A 26 -14.10 -16.95 0.12
N GLU A 27 -14.25 -18.22 0.51
CA GLU A 27 -15.44 -18.99 0.14
C GLU A 27 -16.70 -18.41 0.76
N ASN A 28 -16.60 -17.81 1.95
CA ASN A 28 -17.77 -17.20 2.56
C ASN A 28 -18.16 -15.91 1.84
N VAL A 29 -17.18 -15.14 1.38
CA VAL A 29 -17.48 -13.94 0.61
C VAL A 29 -18.22 -14.29 -0.67
N ALA A 30 -17.76 -15.32 -1.37
CA ALA A 30 -18.42 -15.75 -2.61
C ALA A 30 -19.83 -16.26 -2.33
N PHE A 31 -20.04 -16.92 -1.19
CA PHE A 31 -21.38 -17.38 -0.84
C PHE A 31 -22.35 -16.22 -0.73
N ASN A 32 -21.93 -15.14 -0.06
CA ASN A 32 -22.79 -13.97 0.08
C ASN A 32 -23.12 -13.35 -1.27
N VAL A 33 -22.12 -13.27 -2.15
CA VAL A 33 -22.35 -12.69 -3.47
C VAL A 33 -23.36 -13.53 -4.25
N VAL A 34 -23.22 -14.85 -4.20
CA VAL A 34 -24.12 -15.72 -4.95
C VAL A 34 -25.55 -15.61 -4.43
N ASN A 35 -25.72 -15.63 -3.11
CA ASN A 35 -27.05 -15.72 -2.53
C ASN A 35 -27.68 -14.37 -2.22
N LYS A 36 -26.87 -13.35 -1.91
CA LYS A 36 -27.39 -12.05 -1.52
C LYS A 36 -27.05 -10.93 -2.49
N GLY A 37 -26.33 -11.23 -3.58
CA GLY A 37 -25.92 -10.21 -4.51
C GLY A 37 -24.75 -9.36 -4.04
N HIS A 38 -24.37 -9.45 -2.78
CA HIS A 38 -23.24 -8.74 -2.21
C HIS A 38 -22.95 -9.38 -0.87
N PHE A 39 -21.97 -8.83 -0.15
CA PHE A 39 -21.65 -9.33 1.18
C PHE A 39 -22.72 -8.87 2.16
N ASP A 40 -23.38 -9.83 2.82
CA ASP A 40 -24.45 -9.54 3.76
C ASP A 40 -24.19 -10.15 5.14
N GLY A 41 -22.98 -10.63 5.40
CA GLY A 41 -22.66 -11.21 6.69
C GLY A 41 -23.33 -12.54 6.96
N GLN A 42 -23.62 -13.31 5.92
CA GLN A 42 -24.29 -14.60 6.09
C GLN A 42 -23.27 -15.73 6.17
N GLN A 43 -23.68 -16.81 6.83
CA GLN A 43 -22.85 -18.00 6.94
C GLN A 43 -23.04 -18.91 5.74
N GLY A 44 -21.97 -19.56 5.33
CA GLY A 44 -21.99 -20.48 4.21
C GLY A 44 -20.76 -20.32 3.35
N GLU A 45 -20.45 -21.36 2.59
CA GLU A 45 -19.31 -21.37 1.69
C GLU A 45 -19.69 -22.03 0.38
N VAL A 46 -19.00 -21.64 -0.69
CA VAL A 46 -19.15 -22.25 -2.00
C VAL A 46 -17.76 -22.49 -2.58
N PRO A 47 -17.58 -23.49 -3.45
CA PRO A 47 -16.25 -23.72 -4.04
C PRO A 47 -15.84 -22.58 -4.95
N VAL A 48 -14.56 -22.22 -4.89
CA VAL A 48 -14.03 -21.06 -5.60
C VAL A 48 -12.74 -21.45 -6.32
N SER A 49 -12.62 -21.00 -7.57
CA SER A 49 -11.39 -21.12 -8.32
C SER A 49 -10.91 -19.72 -8.71
N ILE A 50 -9.60 -19.51 -8.62
CA ILE A 50 -8.98 -18.25 -8.98
C ILE A 50 -7.95 -18.54 -10.06
N ILE A 51 -8.21 -18.06 -11.26
N ILE A 51 -8.18 -18.03 -11.26
CA ILE A 51 -7.33 -18.22 -12.42
CA ILE A 51 -7.23 -18.16 -12.36
C ILE A 51 -7.12 -16.85 -13.03
C ILE A 51 -7.14 -16.84 -13.10
N ASN A 52 -5.88 -16.54 -13.37
N ASN A 52 -5.90 -16.35 -13.28
CA ASN A 52 -5.50 -15.19 -13.77
CA ASN A 52 -5.56 -15.08 -13.90
C ASN A 52 -6.02 -14.19 -12.76
C ASN A 52 -6.56 -13.96 -13.65
N ASN A 53 -6.68 -13.15 -13.25
N ASN A 53 -6.56 -13.41 -12.43
CA ASN A 53 -7.28 -12.14 -12.40
CA ASN A 53 -7.28 -12.19 -12.10
C ASN A 53 -8.79 -12.30 -12.30
C ASN A 53 -8.78 -12.31 -12.32
N THR A 54 -9.31 -13.53 -12.27
CA THR A 54 -10.74 -13.78 -12.30
C THR A 54 -11.12 -14.79 -11.22
N VAL A 55 -12.25 -14.54 -10.57
CA VAL A 55 -12.79 -15.41 -9.53
C VAL A 55 -13.95 -16.20 -10.10
N TYR A 56 -13.90 -17.51 -9.95
CA TYR A 56 -14.94 -18.41 -10.44
C TYR A 56 -15.51 -19.22 -9.28
N THR A 57 -16.75 -19.67 -9.48
CA THR A 57 -17.38 -20.62 -8.57
C THR A 57 -18.06 -21.70 -9.40
N LYS A 58 -18.16 -22.89 -8.82
CA LYS A 58 -18.73 -24.05 -9.52
C LYS A 58 -20.24 -24.08 -9.29
N VAL A 59 -21.00 -24.09 -10.38
CA VAL A 59 -22.46 -24.18 -10.32
C VAL A 59 -22.86 -25.40 -11.13
N ASP A 60 -23.20 -26.48 -10.43
CA ASP A 60 -23.62 -27.74 -11.05
C ASP A 60 -22.55 -28.27 -12.01
N GLY A 61 -21.32 -28.35 -11.51
CA GLY A 61 -20.24 -28.97 -12.23
C GLY A 61 -19.41 -28.05 -13.11
N VAL A 62 -19.93 -26.87 -13.46
CA VAL A 62 -19.21 -25.95 -14.33
C VAL A 62 -18.92 -24.66 -13.58
N ASP A 63 -17.87 -23.97 -14.01
CA ASP A 63 -17.44 -22.75 -13.36
C ASP A 63 -18.14 -21.54 -13.97
N VAL A 64 -18.53 -20.61 -13.10
CA VAL A 64 -19.19 -19.37 -13.51
C VAL A 64 -18.37 -18.20 -12.99
N GLU A 65 -18.08 -17.25 -13.87
CA GLU A 65 -17.31 -16.08 -13.49
C GLU A 65 -18.12 -15.17 -12.58
N LEU A 66 -17.53 -14.79 -11.44
CA LEU A 66 -18.18 -13.88 -10.51
C LEU A 66 -17.59 -12.48 -10.52
N PHE A 67 -16.29 -12.34 -10.78
CA PHE A 67 -15.63 -11.05 -10.64
C PHE A 67 -14.35 -11.07 -11.47
N GLU A 68 -14.14 -10.00 -12.25
CA GLU A 68 -12.94 -9.81 -13.02
C GLU A 68 -12.15 -8.65 -12.41
N ASN A 69 -10.96 -8.94 -11.91
CA ASN A 69 -10.16 -7.94 -11.21
C ASN A 69 -9.59 -6.94 -12.21
N LYS A 70 -10.08 -5.70 -12.16
CA LYS A 70 -9.55 -4.61 -12.97
C LYS A 70 -8.69 -3.66 -12.15
N THR A 71 -8.34 -4.03 -10.92
CA THR A 71 -7.60 -3.16 -10.01
C THR A 71 -6.13 -3.56 -9.95
N THR A 72 -5.37 -2.81 -9.16
CA THR A 72 -3.95 -3.07 -8.94
C THR A 72 -3.69 -3.91 -7.70
N LEU A 73 -4.73 -4.39 -7.06
CA LEU A 73 -4.64 -5.21 -5.87
C LEU A 73 -4.69 -6.69 -6.22
N PRO A 74 -4.27 -7.58 -5.33
CA PRO A 74 -4.45 -9.01 -5.57
C PRO A 74 -5.92 -9.33 -5.82
N VAL A 75 -6.13 -10.38 -6.64
CA VAL A 75 -7.47 -10.68 -7.13
C VAL A 75 -8.41 -11.02 -5.98
N ASN A 76 -7.93 -11.82 -5.02
CA ASN A 76 -8.80 -12.20 -3.91
C ASN A 76 -9.12 -11.02 -3.00
N VAL A 77 -8.20 -10.05 -2.90
CA VAL A 77 -8.43 -8.90 -2.04
C VAL A 77 -9.43 -7.95 -2.68
N ALA A 78 -9.23 -7.63 -3.96
CA ALA A 78 -10.16 -6.75 -4.66
C ALA A 78 -11.56 -7.35 -4.72
N PHE A 79 -11.64 -8.68 -4.84
CA PHE A 79 -12.95 -9.33 -4.83
C PHE A 79 -13.67 -9.11 -3.50
N GLU A 80 -12.93 -9.16 -2.40
CA GLU A 80 -13.54 -8.96 -1.09
C GLU A 80 -14.00 -7.52 -0.91
N LEU A 81 -13.21 -6.56 -1.38
CA LEU A 81 -13.58 -5.15 -1.22
C LEU A 81 -14.76 -4.79 -2.10
N TRP A 82 -14.81 -5.32 -3.32
CA TRP A 82 -15.96 -5.04 -4.18
C TRP A 82 -17.23 -5.66 -3.62
N ALA A 83 -17.12 -6.85 -3.02
CA ALA A 83 -18.28 -7.47 -2.40
C ALA A 83 -18.77 -6.65 -1.21
N LYS A 84 -17.84 -6.03 -0.48
CA LYS A 84 -18.17 -5.23 0.70
C LYS A 84 -18.35 -3.75 0.36
N ARG A 85 -18.62 -3.42 -0.89
CA ARG A 85 -18.82 -2.03 -1.28
C ARG A 85 -20.10 -1.48 -0.64
N ASN A 86 -20.17 -0.16 -0.56
CA ASN A 86 -21.34 0.51 -0.02
C ASN A 86 -22.43 0.53 -1.08
N ILE A 87 -23.57 -0.08 -0.76
CA ILE A 87 -24.66 -0.21 -1.72
C ILE A 87 -25.75 0.84 -1.47
N LYS A 88 -25.44 1.88 -0.72
CA LYS A 88 -26.34 3.00 -0.49
C LYS A 88 -25.88 4.22 -1.25
N PRO A 89 -26.75 5.20 -1.48
CA PRO A 89 -26.32 6.43 -2.17
C PRO A 89 -25.16 7.10 -1.45
N VAL A 90 -24.01 7.14 -2.12
CA VAL A 90 -22.80 7.72 -1.54
C VAL A 90 -22.36 8.89 -2.41
N PRO A 91 -21.62 9.86 -1.86
CA PRO A 91 -21.11 10.96 -2.69
C PRO A 91 -20.22 10.44 -3.80
N GLU A 92 -20.24 11.15 -4.92
CA GLU A 92 -19.38 10.80 -6.04
C GLU A 92 -17.91 10.98 -5.66
N VAL A 93 -17.05 10.15 -6.27
CA VAL A 93 -15.65 10.11 -5.89
C VAL A 93 -14.99 11.47 -6.09
N LYS A 94 -15.40 12.19 -7.14
CA LYS A 94 -14.82 13.51 -7.38
C LYS A 94 -15.11 14.46 -6.23
N ILE A 95 -16.28 14.33 -5.59
CA ILE A 95 -16.58 15.14 -4.42
C ILE A 95 -15.67 14.77 -3.27
N LEU A 96 -15.52 13.47 -3.01
CA LEU A 96 -14.66 13.02 -1.92
C LEU A 96 -13.21 13.40 -2.18
N ASN A 97 -12.77 13.33 -3.44
CA ASN A 97 -11.39 13.70 -3.76
C ASN A 97 -11.15 15.19 -3.55
N ASN A 98 -12.10 16.03 -3.99
CA ASN A 98 -11.93 17.47 -3.84
C ASN A 98 -11.90 17.87 -2.36
N LEU A 99 -12.59 17.13 -1.51
CA LEU A 99 -12.54 17.37 -0.07
C LEU A 99 -11.34 16.72 0.59
N GLY A 100 -10.48 16.05 -0.18
CA GLY A 100 -9.28 15.46 0.38
C GLY A 100 -9.52 14.22 1.21
N VAL A 101 -10.58 13.47 0.92
CA VAL A 101 -10.85 12.25 1.67
C VAL A 101 -9.79 11.21 1.35
N ASP A 102 -9.17 10.67 2.40
CA ASP A 102 -8.12 9.66 2.26
C ASP A 102 -8.61 8.24 2.51
N ILE A 103 -9.68 8.07 3.30
CA ILE A 103 -10.13 6.74 3.71
C ILE A 103 -11.55 6.87 4.23
N ALA A 104 -12.27 5.75 4.25
CA ALA A 104 -13.63 5.70 4.74
C ALA A 104 -13.69 4.90 6.04
N ALA A 105 -14.70 5.19 6.85
CA ALA A 105 -14.85 4.58 8.17
C ALA A 105 -15.79 3.38 8.07
N ASN A 106 -15.21 2.18 8.15
CA ASN A 106 -15.97 0.93 8.23
C ASN A 106 -16.89 0.75 7.03
N THR A 107 -16.38 1.10 5.84
CA THR A 107 -17.10 0.88 4.59
C THR A 107 -16.11 0.98 3.45
N VAL A 108 -16.56 0.63 2.25
CA VAL A 108 -15.76 0.69 1.04
C VAL A 108 -16.53 1.46 -0.01
N ILE A 109 -15.97 2.58 -0.46
CA ILE A 109 -16.54 3.34 -1.57
C ILE A 109 -15.95 2.81 -2.86
N TRP A 110 -16.80 2.24 -3.71
CA TRP A 110 -16.34 1.65 -4.96
C TRP A 110 -16.35 2.70 -6.06
N ASP A 111 -15.20 2.89 -6.69
CA ASP A 111 -15.07 3.81 -7.81
C ASP A 111 -15.42 3.04 -9.08
N TYR A 112 -16.65 3.25 -9.57
CA TYR A 112 -17.08 2.59 -10.79
C TYR A 112 -16.44 3.19 -12.04
N LYS A 113 -15.97 4.43 -11.96
CA LYS A 113 -15.22 5.00 -13.08
C LYS A 113 -13.93 4.23 -13.33
N ARG A 114 -13.30 3.77 -12.25
CA ARG A 114 -12.05 3.03 -12.33
C ARG A 114 -12.22 1.54 -12.07
N ASP A 115 -13.42 1.08 -11.73
CA ASP A 115 -13.67 -0.31 -11.35
C ASP A 115 -12.68 -0.75 -10.28
N ALA A 116 -12.51 0.09 -9.28
CA ALA A 116 -11.52 -0.12 -8.23
C ALA A 116 -11.99 0.61 -6.98
N PRO A 117 -11.44 0.26 -5.81
CA PRO A 117 -11.78 1.01 -4.60
C PRO A 117 -11.34 2.46 -4.73
N ALA A 118 -12.14 3.35 -4.13
CA ALA A 118 -11.81 4.77 -4.16
C ALA A 118 -10.62 5.10 -3.28
N HIS A 119 -10.28 4.23 -2.32
CA HIS A 119 -9.21 4.50 -1.38
C HIS A 119 -8.33 3.26 -1.23
N ILE A 120 -7.07 3.50 -0.86
CA ILE A 120 -6.08 2.42 -0.83
C ILE A 120 -6.35 1.49 0.35
N SER A 121 -6.43 2.04 1.55
CA SER A 121 -6.60 1.26 2.76
C SER A 121 -8.05 1.30 3.22
N THR A 122 -8.35 0.49 4.25
CA THR A 122 -9.68 0.40 4.82
C THR A 122 -9.58 0.42 6.34
N ILE A 123 -10.73 0.60 6.98
CA ILE A 123 -10.84 0.60 8.43
C ILE A 123 -11.88 -0.43 8.82
N GLY A 124 -11.44 -1.54 9.39
CA GLY A 124 -12.35 -2.58 9.83
C GLY A 124 -13.18 -3.18 8.71
N VAL A 125 -12.55 -3.52 7.60
CA VAL A 125 -13.26 -4.08 6.45
C VAL A 125 -12.59 -5.38 6.00
N CYS A 126 -11.32 -5.29 5.61
CA CYS A 126 -10.59 -6.44 5.08
C CYS A 126 -9.24 -6.54 5.77
N SER A 127 -8.90 -7.75 6.21
CA SER A 127 -7.67 -7.96 6.98
C SER A 127 -6.44 -7.52 6.19
N MET A 128 -6.45 -7.67 4.87
CA MET A 128 -5.30 -7.31 4.07
C MET A 128 -5.16 -5.80 3.91
N THR A 129 -6.27 -5.08 3.80
CA THR A 129 -6.24 -3.65 3.58
C THR A 129 -6.47 -2.83 4.84
N ASP A 130 -6.85 -3.47 5.94
CA ASP A 130 -7.12 -2.74 7.18
C ASP A 130 -5.83 -2.18 7.76
N ILE A 131 -5.78 -0.85 7.93
CA ILE A 131 -4.78 -0.24 8.79
C ILE A 131 -5.29 -0.09 10.21
N ALA A 132 -6.59 -0.29 10.43
CA ALA A 132 -7.19 -0.19 11.75
C ALA A 132 -8.56 -0.85 11.70
N LYS A 133 -9.12 -1.09 12.88
CA LYS A 133 -10.48 -1.61 13.00
C LYS A 133 -11.49 -0.55 13.37
N LYS A 134 -11.06 0.52 14.04
CA LYS A 134 -11.92 1.61 14.46
C LYS A 134 -11.29 2.93 14.05
N PRO A 135 -12.10 3.90 13.60
CA PRO A 135 -11.53 5.20 13.21
C PRO A 135 -10.97 6.01 14.37
N THR A 136 -11.11 5.54 15.60
CA THR A 136 -10.54 6.22 16.75
C THR A 136 -9.12 5.79 17.06
N GLU A 137 -8.55 4.91 16.25
CA GLU A 137 -7.18 4.46 16.49
C GLU A 137 -6.19 5.56 16.13
N THR A 138 -4.96 5.40 16.62
CA THR A 138 -3.96 6.47 16.53
C THR A 138 -3.64 6.80 15.08
N ILE A 139 -3.48 5.79 14.23
CA ILE A 139 -3.09 6.02 12.85
C ILE A 139 -4.17 6.74 12.05
N CYS A 140 -5.42 6.73 12.53
CA CYS A 140 -6.50 7.39 11.81
C CYS A 140 -6.55 8.89 12.05
N ALA A 141 -5.86 9.38 13.08
CA ALA A 141 -5.92 10.81 13.40
C ALA A 141 -5.40 11.70 12.28
N PRO A 142 -4.22 11.47 11.69
CA PRO A 142 -3.76 12.37 10.62
C PRO A 142 -4.52 12.22 9.33
N LEU A 143 -5.22 11.11 9.12
CA LEU A 143 -5.94 10.89 7.88
C LEU A 143 -7.32 11.55 7.92
N THR A 144 -7.81 11.94 6.75
CA THR A 144 -9.14 12.51 6.60
C THR A 144 -10.11 11.36 6.39
N VAL A 145 -10.84 11.00 7.45
CA VAL A 145 -11.73 9.85 7.43
C VAL A 145 -13.13 10.31 7.05
N PHE A 146 -13.76 9.58 6.13
CA PHE A 146 -15.12 9.87 5.71
C PHE A 146 -16.10 9.20 6.67
N PHE A 147 -17.05 9.98 7.18
CA PHE A 147 -18.04 9.49 8.13
C PHE A 147 -19.44 9.63 7.54
N ASP A 148 -20.29 8.65 7.83
CA ASP A 148 -21.65 8.60 7.31
C ASP A 148 -22.62 8.82 8.48
N GLY A 149 -23.35 9.94 8.43
CA GLY A 149 -24.32 10.24 9.47
C GLY A 149 -25.48 9.28 9.52
N ARG A 150 -25.74 8.56 8.44
CA ARG A 150 -26.80 7.56 8.43
C ARG A 150 -26.43 6.32 9.23
N VAL A 151 -25.15 6.13 9.53
CA VAL A 151 -24.69 5.04 10.38
C VAL A 151 -24.70 5.52 11.82
N ASP A 152 -25.33 4.73 12.69
CA ASP A 152 -25.47 5.12 14.09
C ASP A 152 -24.10 5.25 14.75
N GLY A 153 -23.87 6.39 15.39
CA GLY A 153 -22.67 6.63 16.14
C GLY A 153 -21.55 7.30 15.38
N GLN A 154 -21.62 7.34 14.05
CA GLN A 154 -20.54 7.93 13.27
C GLN A 154 -20.54 9.44 13.29
N VAL A 155 -21.68 10.07 13.64
CA VAL A 155 -21.69 11.51 13.82
C VAL A 155 -20.83 11.90 15.01
N ASP A 156 -20.99 11.19 16.13
CA ASP A 156 -20.17 11.45 17.31
C ASP A 156 -18.71 11.06 17.06
N LEU A 157 -18.48 9.98 16.29
CA LEU A 157 -17.13 9.63 15.90
C LEU A 157 -16.48 10.75 15.10
N PHE A 158 -17.28 11.50 14.34
CA PHE A 158 -16.76 12.65 13.63
C PHE A 158 -16.41 13.79 14.58
N ARG A 159 -17.17 13.93 15.68
CA ARG A 159 -16.88 15.00 16.64
C ARG A 159 -15.56 14.74 17.38
N ASN A 160 -15.19 13.48 17.56
CA ASN A 160 -13.95 13.14 18.24
C ASN A 160 -12.76 13.00 17.29
N ALA A 161 -13.01 12.84 16.00
CA ALA A 161 -11.93 12.68 15.04
C ALA A 161 -11.23 14.02 14.81
N ARG A 162 -9.92 13.94 14.57
CA ARG A 162 -9.14 15.15 14.30
C ARG A 162 -9.45 15.70 12.92
N ASN A 163 -9.26 14.90 11.88
CA ASN A 163 -9.55 15.26 10.51
C ASN A 163 -10.60 14.30 9.96
N GLY A 164 -11.63 14.85 9.31
CA GLY A 164 -12.69 13.99 8.80
C GLY A 164 -13.71 14.80 8.04
N VAL A 165 -14.54 14.07 7.30
CA VAL A 165 -15.65 14.62 6.54
C VAL A 165 -16.91 13.85 6.89
N LEU A 166 -18.02 14.57 7.08
CA LEU A 166 -19.27 13.98 7.52
C LEU A 166 -20.39 14.39 6.57
N ILE A 167 -21.29 13.44 6.30
CA ILE A 167 -22.51 13.71 5.54
C ILE A 167 -23.69 13.28 6.39
N THR A 168 -24.76 14.08 6.35
CA THR A 168 -25.99 13.78 7.07
C THR A 168 -27.18 14.11 6.19
N GLU A 169 -28.33 13.55 6.56
CA GLU A 169 -29.58 13.89 5.89
C GLU A 169 -30.28 15.08 6.53
N GLY A 170 -29.96 15.40 7.78
CA GLY A 170 -30.60 16.50 8.47
C GLY A 170 -29.63 17.36 9.25
N SER A 171 -30.16 18.15 10.18
CA SER A 171 -29.33 19.08 10.93
C SER A 171 -28.48 18.35 11.97
N VAL A 172 -27.29 18.88 12.20
CA VAL A 172 -26.40 18.41 13.26
C VAL A 172 -26.33 19.51 14.32
N LYS A 173 -26.48 19.11 15.58
CA LYS A 173 -26.51 20.07 16.67
C LYS A 173 -25.15 20.76 16.81
N GLY A 174 -25.17 22.10 16.82
CA GLY A 174 -23.96 22.86 17.00
C GLY A 174 -22.99 22.81 15.85
N LEU A 175 -23.48 22.56 14.64
CA LEU A 175 -22.63 22.50 13.45
C LEU A 175 -23.40 23.07 12.27
N GLN A 176 -22.86 24.14 11.67
CA GLN A 176 -23.49 24.71 10.49
C GLN A 176 -23.22 23.82 9.29
N PRO A 177 -24.24 23.41 8.55
CA PRO A 177 -24.03 22.49 7.43
C PRO A 177 -23.74 23.20 6.11
N SER A 178 -23.23 22.42 5.17
CA SER A 178 -23.04 22.85 3.79
C SER A 178 -23.87 21.92 2.90
N VAL A 179 -24.82 22.50 2.16
CA VAL A 179 -25.70 21.70 1.31
C VAL A 179 -24.92 21.22 0.10
N GLY A 180 -24.81 19.90 -0.05
CA GLY A 180 -24.07 19.31 -1.14
C GLY A 180 -24.88 19.26 -2.41
N PRO A 181 -24.39 18.53 -3.42
CA PRO A 181 -25.11 18.43 -4.69
C PRO A 181 -26.38 17.62 -4.54
N LYS A 182 -27.26 17.77 -5.53
CA LYS A 182 -28.53 17.05 -5.52
C LYS A 182 -28.37 15.58 -5.84
N GLN A 183 -27.37 15.22 -6.65
CA GLN A 183 -27.21 13.86 -7.13
C GLN A 183 -26.19 13.10 -6.29
N ALA A 184 -26.33 11.78 -6.25
CA ALA A 184 -25.41 10.90 -5.56
C ALA A 184 -25.28 9.61 -6.35
N SER A 185 -24.27 8.82 -6.01
CA SER A 185 -23.95 7.58 -6.72
C SER A 185 -24.52 6.39 -5.96
N LEU A 186 -25.40 5.64 -6.62
CA LEU A 186 -25.98 4.43 -6.06
C LEU A 186 -25.59 3.26 -6.94
N ASN A 187 -24.68 2.41 -6.45
CA ASN A 187 -24.20 1.24 -7.17
C ASN A 187 -23.63 1.63 -8.53
N GLY A 188 -22.98 2.78 -8.59
CA GLY A 188 -22.42 3.29 -9.83
C GLY A 188 -23.36 4.14 -10.65
N VAL A 189 -24.62 4.28 -10.23
CA VAL A 189 -25.61 5.06 -10.96
C VAL A 189 -25.74 6.40 -10.25
N THR A 190 -25.33 7.48 -10.93
CA THR A 190 -25.52 8.82 -10.41
C THR A 190 -26.94 9.27 -10.72
N LEU A 191 -27.66 9.69 -9.67
CA LEU A 191 -29.06 10.03 -9.83
C LEU A 191 -29.48 11.01 -8.75
N ILE A 192 -30.57 11.71 -9.02
CA ILE A 192 -31.25 12.54 -8.02
C ILE A 192 -32.40 11.69 -7.47
N GLY A 193 -32.25 11.22 -6.24
CA GLY A 193 -33.17 10.22 -5.71
C GLY A 193 -34.55 10.79 -5.48
N GLU A 194 -35.57 9.97 -5.81
CA GLU A 194 -36.96 10.28 -5.54
C GLU A 194 -37.57 9.37 -4.48
N ALA A 195 -37.27 8.07 -4.54
CA ALA A 195 -37.65 7.16 -3.47
C ALA A 195 -36.60 7.10 -2.37
N VAL A 196 -35.38 7.58 -2.64
CA VAL A 196 -34.32 7.67 -1.64
C VAL A 196 -33.77 9.09 -1.70
N LYS A 197 -33.18 9.51 -0.59
CA LYS A 197 -32.62 10.86 -0.50
C LYS A 197 -31.17 10.85 -0.93
N THR A 198 -30.81 11.77 -1.83
CA THR A 198 -29.45 11.86 -2.35
C THR A 198 -28.76 13.18 -2.03
N GLN A 199 -29.45 14.14 -1.43
CA GLN A 199 -28.84 15.42 -1.07
C GLN A 199 -28.41 15.38 0.39
N PHE A 200 -27.15 15.68 0.64
CA PHE A 200 -26.55 15.56 1.97
C PHE A 200 -26.09 16.92 2.48
N ASN A 201 -25.92 16.99 3.80
CA ASN A 201 -25.23 18.11 4.45
C ASN A 201 -23.78 17.71 4.66
N TYR A 202 -22.86 18.62 4.34
CA TYR A 202 -21.44 18.32 4.39
C TYR A 202 -20.78 19.06 5.55
N TYR A 203 -19.85 18.37 6.21
CA TYR A 203 -19.10 18.90 7.33
C TYR A 203 -17.66 18.45 7.19
N LYS A 204 -16.72 19.32 7.54
CA LYS A 204 -15.31 19.00 7.44
C LYS A 204 -14.55 19.56 8.63
N LYS A 205 -13.63 18.75 9.16
CA LYS A 205 -12.76 19.15 10.24
C LYS A 205 -11.31 18.94 9.83
N VAL A 206 -10.47 19.93 10.15
CA VAL A 206 -9.04 19.86 9.90
C VAL A 206 -8.32 20.15 11.20
N ASP A 207 -7.53 19.17 11.67
CA ASP A 207 -6.79 19.29 12.92
C ASP A 207 -7.72 19.67 14.08
N GLY A 208 -8.87 19.01 14.14
CA GLY A 208 -9.83 19.24 15.20
C GLY A 208 -10.69 20.48 15.04
N VAL A 209 -10.45 21.29 14.01
CA VAL A 209 -11.16 22.54 13.81
C VAL A 209 -12.22 22.32 12.74
N VAL A 210 -13.48 22.52 13.12
CA VAL A 210 -14.58 22.41 12.15
C VAL A 210 -14.41 23.50 11.10
N GLN A 211 -14.24 23.10 9.85
CA GLN A 211 -14.02 24.04 8.78
C GLN A 211 -15.34 24.61 8.25
N GLN A 212 -15.25 25.79 7.66
CA GLN A 212 -16.38 26.42 7.00
C GLN A 212 -16.21 26.26 5.50
N LEU A 213 -17.00 25.39 4.90
CA LEU A 213 -16.84 25.07 3.49
C LEU A 213 -17.30 26.25 2.63
N PRO A 214 -16.62 26.52 1.53
CA PRO A 214 -16.89 27.73 0.75
C PRO A 214 -18.10 27.57 -0.16
N GLU A 215 -18.56 28.71 -0.68
CA GLU A 215 -19.57 28.70 -1.72
C GLU A 215 -19.03 28.01 -2.97
N THR A 216 -19.82 27.10 -3.54
CA THR A 216 -19.35 26.31 -4.65
C THR A 216 -20.49 26.02 -5.62
N TYR A 217 -20.15 25.96 -6.89
CA TYR A 217 -21.03 25.35 -7.88
C TYR A 217 -20.84 23.83 -7.85
N PHE A 218 -21.80 23.13 -8.44
CA PHE A 218 -21.75 21.68 -8.50
C PHE A 218 -21.95 21.22 -9.93
N THR A 219 -21.12 20.29 -10.38
CA THR A 219 -21.31 19.66 -11.68
C THR A 219 -22.55 18.77 -11.64
N GLN A 220 -23.17 18.60 -12.81
CA GLN A 220 -24.43 17.88 -12.89
C GLN A 220 -24.27 16.38 -13.07
N SER A 221 -23.07 15.92 -13.44
CA SER A 221 -22.76 14.50 -13.54
C SER A 221 -23.67 13.78 -14.52
N ARG A 222 -24.11 14.46 -15.56
CA ARG A 222 -24.94 13.85 -16.60
C ARG A 222 -24.05 13.19 -17.65
N ASN A 223 -24.68 12.38 -18.50
CA ASN A 223 -23.97 11.70 -19.57
C ASN A 223 -24.47 12.18 -20.94
N LEU A 224 -23.60 12.02 -21.94
CA LEU A 224 -23.82 12.63 -23.24
C LEU A 224 -25.04 12.03 -23.95
N GLN A 225 -25.23 10.72 -23.85
CA GLN A 225 -26.31 10.08 -24.60
C GLN A 225 -27.66 10.30 -23.92
N GLU A 226 -27.74 10.05 -22.62
CA GLU A 226 -28.99 10.22 -21.86
C GLU A 226 -29.11 11.60 -21.25
N PHE A 227 -28.66 12.64 -21.94
CA PHE A 227 -28.69 13.98 -21.38
C PHE A 227 -30.12 14.48 -21.21
N LYS A 228 -30.39 15.11 -20.07
CA LYS A 228 -31.70 15.64 -19.77
C LYS A 228 -31.55 17.05 -19.22
N PRO A 229 -32.27 18.04 -19.77
CA PRO A 229 -32.15 19.41 -19.27
C PRO A 229 -32.78 19.55 -17.90
N ARG A 230 -32.15 20.38 -17.06
CA ARG A 230 -32.62 20.61 -15.70
C ARG A 230 -33.00 22.06 -15.46
N SER A 231 -33.23 22.83 -16.52
CA SER A 231 -33.65 24.21 -16.39
C SER A 231 -34.32 24.64 -17.69
N GLN A 232 -35.09 25.73 -17.61
CA GLN A 232 -35.75 26.25 -18.80
C GLN A 232 -34.74 26.78 -19.81
N MET A 233 -33.63 27.35 -19.34
CA MET A 233 -32.59 27.81 -20.26
C MET A 233 -32.00 26.66 -21.04
N GLU A 234 -31.73 25.53 -20.38
CA GLU A 234 -31.21 24.36 -21.07
C GLU A 234 -32.21 23.81 -22.07
N ILE A 235 -33.51 23.89 -21.74
CA ILE A 235 -34.53 23.44 -22.69
C ILE A 235 -34.52 24.30 -23.94
N ASP A 236 -34.38 25.62 -23.78
CA ASP A 236 -34.32 26.50 -24.93
C ASP A 236 -33.05 26.30 -25.74
N PHE A 237 -31.94 25.93 -25.08
CA PHE A 237 -30.70 25.71 -25.81
C PHE A 237 -30.82 24.55 -26.77
N LEU A 238 -31.47 23.46 -26.34
CA LEU A 238 -31.56 22.27 -27.18
C LEU A 238 -32.63 22.40 -28.25
N GLU A 239 -33.73 23.09 -27.95
CA GLU A 239 -34.85 23.18 -28.89
C GLU A 239 -34.68 24.31 -29.90
N LEU A 240 -34.14 25.45 -29.48
CA LEU A 240 -34.02 26.60 -30.36
C LEU A 240 -32.69 26.58 -31.11
N ALA A 241 -32.66 27.34 -32.21
CA ALA A 241 -31.42 27.55 -32.93
C ALA A 241 -30.48 28.44 -32.12
N MET A 242 -29.21 28.46 -32.53
CA MET A 242 -28.20 29.18 -31.75
C MET A 242 -28.40 30.68 -31.83
N ASP A 243 -28.64 31.21 -33.03
CA ASP A 243 -28.79 32.65 -33.20
C ASP A 243 -29.97 33.20 -32.40
N GLU A 244 -31.05 32.42 -32.28
CA GLU A 244 -32.22 32.91 -31.55
C GLU A 244 -32.08 32.65 -30.05
N PHE A 245 -31.36 31.60 -29.67
CA PHE A 245 -31.08 31.37 -28.26
C PHE A 245 -30.19 32.48 -27.69
N ILE A 246 -29.17 32.89 -28.44
CA ILE A 246 -28.31 33.98 -28.00
C ILE A 246 -29.09 35.29 -27.95
N GLU A 247 -29.99 35.50 -28.92
CA GLU A 247 -30.80 36.71 -28.92
C GLU A 247 -31.79 36.73 -27.77
N ARG A 248 -32.33 35.57 -27.39
CA ARG A 248 -33.31 35.52 -26.32
C ARG A 248 -32.68 35.82 -24.97
N TYR A 249 -31.56 35.18 -24.66
CA TYR A 249 -30.87 35.37 -23.40
C TYR A 249 -29.78 36.43 -23.47
N LYS A 250 -29.67 37.13 -24.60
CA LYS A 250 -28.79 38.28 -24.76
C LYS A 250 -27.34 37.92 -24.39
N LEU A 251 -26.73 37.15 -25.28
CA LEU A 251 -25.38 36.63 -25.07
C LEU A 251 -24.41 37.13 -26.14
N GLU A 252 -24.69 38.28 -26.72
CA GLU A 252 -23.81 38.84 -27.73
C GLU A 252 -22.45 39.20 -27.13
N GLY A 253 -21.38 38.76 -27.76
CA GLY A 253 -20.04 39.10 -27.34
C GLY A 253 -19.40 38.15 -26.35
N TYR A 254 -20.09 37.07 -25.96
CA TYR A 254 -19.55 36.11 -25.01
C TYR A 254 -18.99 34.86 -25.68
N ALA A 255 -19.02 34.79 -27.01
CA ALA A 255 -18.47 33.66 -27.76
C ALA A 255 -19.14 32.34 -27.36
N PHE A 256 -20.45 32.38 -27.13
CA PHE A 256 -21.17 31.17 -26.77
C PHE A 256 -21.21 30.18 -27.92
N GLU A 257 -21.28 30.67 -29.16
CA GLU A 257 -21.19 29.79 -30.31
C GLU A 257 -19.91 28.98 -30.28
N HIS A 258 -18.79 29.65 -30.03
CA HIS A 258 -17.50 28.97 -30.00
C HIS A 258 -17.36 28.09 -28.76
N ILE A 259 -17.64 28.66 -27.58
CA ILE A 259 -17.33 27.96 -26.33
C ILE A 259 -18.27 26.79 -26.12
N VAL A 260 -19.57 26.98 -26.37
CA VAL A 260 -20.56 25.97 -26.03
C VAL A 260 -20.78 25.02 -27.20
N TYR A 261 -21.16 25.56 -28.36
CA TYR A 261 -21.50 24.71 -29.49
C TYR A 261 -20.28 24.23 -30.26
N GLY A 262 -19.17 24.94 -30.18
CA GLY A 262 -17.95 24.52 -30.84
C GLY A 262 -17.89 24.93 -32.30
N ASP A 263 -16.66 25.05 -32.80
CA ASP A 263 -16.40 25.39 -34.19
C ASP A 263 -15.77 24.19 -34.87
N PHE A 264 -16.43 23.69 -35.92
CA PHE A 264 -15.99 22.52 -36.65
C PHE A 264 -15.51 22.85 -38.05
N SER A 265 -15.29 24.13 -38.36
CA SER A 265 -14.93 24.53 -39.71
C SER A 265 -13.45 24.33 -40.02
N HIS A 266 -12.61 24.10 -39.01
CA HIS A 266 -11.18 23.94 -39.22
C HIS A 266 -10.72 22.60 -38.66
N SER A 267 -9.48 22.24 -39.01
CA SER A 267 -8.93 20.96 -38.56
C SER A 267 -8.84 20.90 -37.04
N GLN A 268 -8.50 22.02 -36.40
CA GLN A 268 -8.49 22.12 -34.95
C GLN A 268 -9.90 22.49 -34.48
N LEU A 269 -10.51 21.60 -33.71
CA LEU A 269 -11.84 21.87 -33.19
C LEU A 269 -11.77 23.03 -32.19
N GLY A 270 -12.63 24.03 -32.40
CA GLY A 270 -12.64 25.23 -31.58
C GLY A 270 -13.72 25.15 -30.52
N GLY A 271 -13.32 25.40 -29.27
CA GLY A 271 -14.30 25.51 -28.20
C GLY A 271 -14.90 24.17 -27.83
N LEU A 272 -16.22 24.16 -27.67
CA LEU A 272 -16.96 22.97 -27.22
C LEU A 272 -16.41 22.48 -25.88
N HIS A 273 -16.74 23.18 -24.80
CA HIS A 273 -16.25 22.81 -23.48
C HIS A 273 -17.35 22.54 -22.47
N LEU A 274 -18.61 22.70 -22.85
CA LEU A 274 -19.76 22.42 -22.00
C LEU A 274 -20.41 21.13 -22.45
N LEU A 275 -20.71 20.25 -21.50
CA LEU A 275 -21.28 18.94 -21.84
C LEU A 275 -22.60 19.08 -22.59
N ILE A 276 -23.41 20.08 -22.22
CA ILE A 276 -24.68 20.28 -22.90
C ILE A 276 -24.44 20.60 -24.38
N GLY A 277 -23.31 21.21 -24.71
CA GLY A 277 -22.97 21.42 -26.11
C GLY A 277 -22.66 20.11 -26.82
N LEU A 278 -21.88 19.24 -26.18
CA LEU A 278 -21.58 17.94 -26.78
C LEU A 278 -22.85 17.12 -26.96
N ALA A 279 -23.76 17.18 -25.99
CA ALA A 279 -24.99 16.39 -26.08
C ALA A 279 -25.84 16.82 -27.26
N LYS A 280 -25.92 18.14 -27.51
CA LYS A 280 -26.72 18.63 -28.63
C LYS A 280 -26.11 18.19 -29.96
N ARG A 281 -24.78 18.24 -30.07
CA ARG A 281 -24.14 17.82 -31.31
C ARG A 281 -24.27 16.32 -31.53
N PHE A 282 -24.15 15.53 -30.47
CA PHE A 282 -24.19 14.07 -30.61
C PHE A 282 -25.55 13.60 -31.10
N LYS A 283 -26.63 14.28 -30.70
CA LYS A 283 -27.94 13.94 -31.22
C LYS A 283 -28.02 14.12 -32.72
N GLU A 284 -27.31 15.12 -33.26
CA GLU A 284 -27.39 15.45 -34.68
C GLU A 284 -26.29 14.78 -35.50
N SER A 285 -25.06 14.71 -34.96
CA SER A 285 -23.95 14.10 -35.67
C SER A 285 -23.07 13.38 -34.65
N PRO A 286 -22.82 12.09 -34.83
CA PRO A 286 -21.98 11.36 -33.87
C PRO A 286 -20.53 11.77 -33.96
N PHE A 287 -19.80 11.50 -32.89
CA PHE A 287 -18.37 11.78 -32.82
C PHE A 287 -17.75 10.86 -31.78
N GLU A 288 -16.41 10.84 -31.76
CA GLU A 288 -15.64 9.96 -30.89
C GLU A 288 -15.03 10.76 -29.75
N LEU A 289 -15.08 10.19 -28.55
CA LEU A 289 -14.46 10.78 -27.36
C LEU A 289 -13.56 9.74 -26.72
N GLU A 290 -12.27 10.03 -26.67
CA GLU A 290 -11.28 9.13 -26.05
C GLU A 290 -11.01 9.65 -24.64
N ASP A 291 -11.50 8.92 -23.63
CA ASP A 291 -11.31 9.28 -22.23
C ASP A 291 -9.96 8.72 -21.79
N PHE A 292 -8.90 9.44 -22.13
CA PHE A 292 -7.55 8.94 -21.89
C PHE A 292 -7.13 9.01 -20.43
N ILE A 293 -7.90 9.70 -19.59
CA ILE A 293 -7.70 9.63 -18.14
C ILE A 293 -8.99 9.12 -17.52
N PRO A 294 -9.28 7.82 -17.61
CA PRO A 294 -10.56 7.32 -17.10
C PRO A 294 -10.65 7.35 -15.59
N MET A 295 -11.27 8.40 -15.06
CA MET A 295 -11.44 8.56 -13.63
C MET A 295 -12.54 9.58 -13.40
N ASP A 296 -13.00 9.64 -12.16
CA ASP A 296 -14.01 10.63 -11.76
C ASP A 296 -13.29 11.91 -11.37
N SER A 297 -13.54 12.98 -12.14
CA SER A 297 -12.96 14.27 -11.84
C SER A 297 -13.94 15.35 -12.25
N THR A 298 -13.85 16.50 -11.58
CA THR A 298 -14.75 17.62 -11.88
C THR A 298 -14.59 18.06 -13.33
N VAL A 299 -13.36 18.13 -13.82
CA VAL A 299 -13.08 18.44 -15.21
C VAL A 299 -12.62 17.16 -15.90
N LYS A 300 -13.14 16.92 -17.10
CA LYS A 300 -12.79 15.75 -17.89
C LYS A 300 -12.10 16.20 -19.17
N ASN A 301 -10.97 15.57 -19.49
CA ASN A 301 -10.25 15.83 -20.73
C ASN A 301 -10.50 14.69 -21.70
N TYR A 302 -10.76 15.04 -22.95
CA TYR A 302 -11.08 14.07 -23.99
C TYR A 302 -10.31 14.38 -25.26
N PHE A 303 -9.96 13.31 -25.98
CA PHE A 303 -9.47 13.41 -27.35
C PHE A 303 -10.65 13.21 -28.28
N ILE A 304 -11.11 14.29 -28.88
CA ILE A 304 -12.36 14.30 -29.65
C ILE A 304 -12.05 14.27 -31.14
N THR A 305 -12.88 13.58 -31.91
CA THR A 305 -12.78 13.54 -33.37
C THR A 305 -14.19 13.56 -33.92
N ASP A 306 -14.54 14.63 -34.64
CA ASP A 306 -15.86 14.74 -35.24
C ASP A 306 -15.92 13.91 -36.51
N ALA A 307 -16.89 13.00 -36.60
CA ALA A 307 -16.97 12.10 -37.73
C ALA A 307 -17.44 12.79 -39.00
N GLN A 308 -18.31 13.80 -38.86
CA GLN A 308 -18.89 14.43 -40.05
C GLN A 308 -17.87 15.32 -40.75
N THR A 309 -17.18 16.17 -40.00
CA THR A 309 -16.29 17.16 -40.58
C THR A 309 -14.82 16.77 -40.53
N GLY A 310 -14.41 16.00 -39.53
CA GLY A 310 -13.01 15.68 -39.34
C GLY A 310 -12.28 16.62 -38.40
N SER A 311 -12.96 17.60 -37.83
CA SER A 311 -12.32 18.48 -36.86
C SER A 311 -12.01 17.72 -35.57
N SER A 312 -10.86 18.00 -34.97
CA SER A 312 -10.41 17.24 -33.81
C SER A 312 -9.59 18.13 -32.90
N LYS A 313 -9.30 17.60 -31.72
CA LYS A 313 -8.48 18.28 -30.72
C LYS A 313 -8.00 17.25 -29.71
N CYS A 314 -6.70 17.27 -29.40
CA CYS A 314 -6.12 16.25 -28.54
C CYS A 314 -6.65 16.34 -27.12
N VAL A 315 -6.60 17.54 -26.53
CA VAL A 315 -7.08 17.78 -25.17
C VAL A 315 -8.22 18.78 -25.25
N CYS A 316 -9.42 18.32 -24.93
CA CYS A 316 -10.60 19.18 -24.91
C CYS A 316 -11.23 19.08 -23.52
N SER A 317 -10.99 20.08 -22.69
CA SER A 317 -11.56 20.08 -21.35
C SER A 317 -13.07 20.27 -21.42
N VAL A 318 -13.80 19.37 -20.76
CA VAL A 318 -15.26 19.40 -20.74
C VAL A 318 -15.72 19.39 -19.29
N ILE A 319 -16.73 20.20 -18.99
CA ILE A 319 -17.33 20.24 -17.67
C ILE A 319 -18.85 20.27 -17.85
N ASP A 320 -19.55 19.66 -16.90
CA ASP A 320 -21.01 19.57 -16.94
C ASP A 320 -21.58 20.52 -15.89
N LEU A 321 -21.64 21.79 -16.24
CA LEU A 321 -22.30 22.80 -15.42
C LEU A 321 -23.70 23.06 -15.94
N LEU A 322 -24.60 23.40 -15.03
CA LEU A 322 -25.90 23.91 -15.43
C LEU A 322 -25.71 25.15 -16.28
N LEU A 323 -26.44 25.22 -17.40
CA LEU A 323 -26.24 26.32 -18.34
C LEU A 323 -26.47 27.67 -17.67
N ASP A 324 -27.45 27.75 -16.77
CA ASP A 324 -27.69 28.98 -16.04
C ASP A 324 -26.49 29.37 -15.20
N ASP A 325 -25.83 28.38 -14.58
CA ASP A 325 -24.64 28.67 -13.78
C ASP A 325 -23.48 29.11 -14.66
N PHE A 326 -23.32 28.49 -15.83
CA PHE A 326 -22.24 28.90 -16.72
C PHE A 326 -22.44 30.32 -17.22
N VAL A 327 -23.69 30.69 -17.51
CA VAL A 327 -23.98 32.06 -17.92
C VAL A 327 -23.63 33.04 -16.81
N GLU A 328 -23.93 32.68 -15.57
CA GLU A 328 -23.60 33.56 -14.45
C GLU A 328 -22.09 33.74 -14.32
N ILE A 329 -21.32 32.70 -14.59
CA ILE A 329 -19.88 32.78 -14.45
C ILE A 329 -19.27 33.63 -15.56
N ILE A 330 -19.70 33.39 -16.80
CA ILE A 330 -19.12 34.09 -17.94
C ILE A 330 -19.51 35.57 -17.92
N LYS A 331 -20.68 35.89 -17.38
CA LYS A 331 -21.15 37.26 -17.31
C LYS A 331 -20.60 38.01 -16.10
N SER A 332 -19.85 37.35 -15.22
CA SER A 332 -19.34 37.96 -14.00
C SER A 332 -17.83 38.14 -14.04
N GLN A 333 -17.27 38.31 -15.23
CA GLN A 333 -15.82 38.42 -15.40
C GLN A 333 -15.47 39.75 -16.05
N ASP A 334 -14.24 40.19 -15.79
CA ASP A 334 -13.70 41.39 -16.42
C ASP A 334 -13.04 41.02 -17.73
N LEU A 335 -13.44 41.70 -18.81
CA LEU A 335 -13.02 41.36 -20.16
C LEU A 335 -12.05 42.38 -20.74
N SER A 336 -11.30 43.07 -19.89
CA SER A 336 -10.38 44.11 -20.35
C SER A 336 -8.99 43.57 -20.67
N VAL A 337 -8.70 42.32 -20.33
CA VAL A 337 -7.38 41.73 -20.53
C VAL A 337 -7.49 40.66 -21.60
N VAL A 338 -6.42 40.52 -22.39
CA VAL A 338 -6.43 39.56 -23.49
C VAL A 338 -6.49 38.12 -22.96
N SER A 339 -5.77 37.84 -21.86
CA SER A 339 -5.75 36.50 -21.30
C SER A 339 -5.44 36.56 -19.82
N LYS A 340 -6.11 35.72 -19.05
CA LYS A 340 -5.85 35.61 -17.61
C LYS A 340 -6.43 34.30 -17.11
N VAL A 341 -6.08 33.96 -15.87
CA VAL A 341 -6.57 32.76 -15.21
C VAL A 341 -7.72 33.15 -14.29
N VAL A 342 -8.84 32.47 -14.44
CA VAL A 342 -10.04 32.70 -13.64
C VAL A 342 -10.26 31.51 -12.73
N LYS A 343 -10.44 31.78 -11.44
CA LYS A 343 -10.67 30.74 -10.44
C LYS A 343 -12.16 30.65 -10.15
N VAL A 344 -12.72 29.45 -10.22
CA VAL A 344 -14.12 29.19 -9.93
C VAL A 344 -14.20 28.01 -8.98
N THR A 345 -14.94 28.17 -7.89
CA THR A 345 -15.12 27.10 -6.90
C THR A 345 -16.22 26.17 -7.38
N ILE A 346 -15.84 24.96 -7.78
CA ILE A 346 -16.78 23.95 -8.26
C ILE A 346 -16.49 22.65 -7.54
N ASP A 347 -17.54 22.02 -7.01
CA ASP A 347 -17.40 20.76 -6.28
C ASP A 347 -16.40 20.88 -5.15
N TYR A 348 -16.45 22.02 -4.45
CA TYR A 348 -15.61 22.35 -3.30
C TYR A 348 -14.14 22.49 -3.64
N THR A 349 -13.77 22.55 -4.92
CA THR A 349 -12.38 22.71 -5.31
C THR A 349 -12.24 23.91 -6.23
N GLU A 350 -11.02 24.46 -6.28
CA GLU A 350 -10.72 25.63 -7.09
C GLU A 350 -10.32 25.18 -8.50
N ILE A 351 -11.17 25.48 -9.48
CA ILE A 351 -10.94 25.11 -10.87
C ILE A 351 -10.42 26.33 -11.62
N SER A 352 -9.32 26.16 -12.35
CA SER A 352 -8.71 27.23 -13.10
C SER A 352 -9.27 27.27 -14.52
N PHE A 353 -9.79 28.42 -14.92
CA PHE A 353 -10.27 28.67 -16.27
C PHE A 353 -9.34 29.63 -16.99
N MET A 354 -9.19 29.42 -18.29
CA MET A 354 -8.44 30.34 -19.14
C MET A 354 -9.44 31.21 -19.91
N LEU A 355 -9.35 32.52 -19.72
CA LEU A 355 -10.26 33.47 -20.34
C LEU A 355 -9.49 34.28 -21.38
N TRP A 356 -9.93 34.21 -22.63
CA TRP A 356 -9.32 34.96 -23.71
C TRP A 356 -10.32 35.99 -24.24
N CYS A 357 -9.87 37.23 -24.36
CA CYS A 357 -10.73 38.33 -24.79
C CYS A 357 -9.98 39.19 -25.78
N LYS A 358 -10.74 39.96 -26.55
CA LYS A 358 -10.18 40.97 -27.43
C LYS A 358 -11.23 42.02 -27.69
N ASP A 359 -10.85 43.29 -27.52
CA ASP A 359 -11.72 44.44 -27.79
C ASP A 359 -13.01 44.36 -26.98
N GLY A 360 -12.89 43.91 -25.72
CA GLY A 360 -14.01 43.92 -24.80
C GLY A 360 -14.96 42.75 -24.91
N HIS A 361 -14.75 41.84 -25.86
N HIS A 361 -14.74 41.83 -25.85
CA HIS A 361 -15.60 40.67 -26.00
CA HIS A 361 -15.59 40.67 -26.03
C HIS A 361 -14.80 39.41 -25.74
C HIS A 361 -14.80 39.40 -25.77
N VAL A 362 -15.52 38.34 -25.40
CA VAL A 362 -14.88 37.06 -25.08
C VAL A 362 -14.43 36.39 -26.37
N GLU A 363 -13.19 35.93 -26.40
CA GLU A 363 -12.71 35.07 -27.47
C GLU A 363 -13.00 33.60 -27.15
N THR A 364 -12.48 33.11 -26.03
CA THR A 364 -12.77 31.76 -25.57
C THR A 364 -12.70 31.75 -24.06
N PHE A 365 -13.12 30.63 -23.48
CA PHE A 365 -13.18 30.48 -22.02
C PHE A 365 -13.34 28.99 -21.73
N TYR A 366 -12.24 28.35 -21.31
CA TYR A 366 -12.22 26.92 -21.12
C TYR A 366 -11.54 26.56 -19.81
N PRO A 367 -11.95 25.47 -19.20
CA PRO A 367 -11.34 25.03 -17.94
C PRO A 367 -10.04 24.29 -18.19
N LYS A 368 -9.31 24.05 -17.10
CA LYS A 368 -8.08 23.28 -17.13
C LYS A 368 -8.15 22.17 -16.09
N LEU A 369 -7.50 21.06 -16.39
CA LEU A 369 -7.51 19.90 -15.52
C LEU A 369 -6.27 19.87 -14.64
N GLN A 370 -6.42 19.33 -13.44
CA GLN A 370 -5.33 19.21 -12.48
C GLN A 370 -4.64 17.85 -12.60
N SER B 25 13.77 7.45 -14.75
CA SER B 25 13.00 6.71 -15.74
C SER B 25 13.35 5.23 -15.71
N LEU B 26 12.48 4.42 -16.31
CA LEU B 26 12.74 2.99 -16.39
C LEU B 26 13.99 2.70 -17.21
N GLU B 27 14.15 3.38 -18.34
CA GLU B 27 15.32 3.14 -19.18
C GLU B 27 16.60 3.62 -18.50
N ASN B 28 16.52 4.66 -17.68
CA ASN B 28 17.71 5.14 -16.98
C ASN B 28 18.12 4.16 -15.89
N VAL B 29 17.16 3.60 -15.16
CA VAL B 29 17.47 2.62 -14.13
C VAL B 29 18.17 1.41 -14.74
N ALA B 30 17.63 0.91 -15.85
CA ALA B 30 18.24 -0.25 -16.51
C ALA B 30 19.62 0.09 -17.04
N PHE B 31 19.85 1.34 -17.43
CA PHE B 31 21.19 1.75 -17.86
C PHE B 31 22.20 1.58 -16.73
N ASN B 32 21.84 2.03 -15.53
CA ASN B 32 22.75 1.93 -14.40
C ASN B 32 23.06 0.48 -14.05
N VAL B 33 22.05 -0.38 -14.15
CA VAL B 33 22.25 -1.79 -13.80
C VAL B 33 23.26 -2.43 -14.75
N VAL B 34 23.18 -2.11 -16.03
CA VAL B 34 24.06 -2.73 -17.01
C VAL B 34 25.49 -2.20 -16.84
N ASN B 35 25.64 -0.89 -16.73
CA ASN B 35 26.95 -0.27 -16.72
C ASN B 35 27.61 -0.23 -15.35
N LYS B 36 26.82 -0.14 -14.28
CA LYS B 36 27.37 0.03 -12.94
C LYS B 36 26.99 -1.10 -11.99
N GLY B 37 26.27 -2.13 -12.45
CA GLY B 37 25.84 -3.20 -11.59
C GLY B 37 24.70 -2.86 -10.65
N HIS B 38 24.34 -1.59 -10.52
CA HIS B 38 23.25 -1.13 -9.68
C HIS B 38 22.96 0.31 -10.07
N PHE B 39 21.96 0.90 -9.42
CA PHE B 39 21.67 2.31 -9.66
C PHE B 39 22.77 3.16 -9.04
N ASP B 40 23.45 3.95 -9.87
CA ASP B 40 24.56 4.79 -9.43
C ASP B 40 24.34 6.26 -9.78
N GLY B 41 23.12 6.65 -10.16
CA GLY B 41 22.85 8.03 -10.48
C GLY B 41 23.38 8.51 -11.80
N GLN B 42 23.95 7.63 -12.62
CA GLN B 42 24.50 8.04 -13.91
C GLN B 42 23.39 8.28 -14.91
N GLN B 43 23.66 9.16 -15.87
CA GLN B 43 22.71 9.44 -16.94
C GLN B 43 22.93 8.49 -18.11
N GLY B 44 21.84 8.16 -18.79
CA GLY B 44 21.88 7.21 -19.88
C GLY B 44 20.59 6.43 -19.94
N GLU B 45 20.38 5.78 -21.10
CA GLU B 45 19.15 5.04 -21.33
C GLU B 45 19.46 3.80 -22.17
N VAL B 46 18.71 2.73 -21.90
CA VAL B 46 18.78 1.52 -22.71
C VAL B 46 17.37 1.01 -22.97
N PRO B 47 17.17 0.40 -24.14
CA PRO B 47 15.82 -0.10 -24.46
C PRO B 47 15.42 -1.24 -23.53
N VAL B 48 14.17 -1.20 -23.08
CA VAL B 48 13.66 -2.13 -22.08
C VAL B 48 12.37 -2.76 -22.58
N SER B 49 12.24 -4.07 -22.36
CA SER B 49 11.01 -4.80 -22.63
C SER B 49 10.53 -5.42 -21.33
N ILE B 50 9.24 -5.28 -21.05
CA ILE B 50 8.62 -5.83 -19.84
C ILE B 50 7.62 -6.88 -20.26
N ILE B 51 7.91 -8.14 -19.96
N ILE B 51 7.86 -8.12 -19.85
CA ILE B 51 7.05 -9.26 -20.30
CA ILE B 51 6.95 -9.23 -20.11
C ILE B 51 6.91 -10.13 -19.06
C ILE B 51 7.16 -10.30 -19.04
N ASN B 52 5.69 -10.58 -18.79
N ASN B 52 6.07 -10.90 -18.59
CA ASN B 52 5.36 -11.36 -17.59
CA ASN B 52 6.09 -12.06 -17.69
C ASN B 52 5.77 -10.51 -16.40
C ASN B 52 6.79 -11.74 -16.37
N ASN B 53 6.54 -11.04 -15.44
N ASN B 53 6.46 -10.58 -15.79
CA ASN B 53 7.12 -10.26 -14.36
CA ASN B 53 7.02 -10.15 -14.52
C ASN B 53 8.63 -10.15 -14.51
C ASN B 53 8.54 -10.14 -14.55
N THR B 54 9.10 -9.98 -15.75
CA THR B 54 10.54 -9.97 -16.00
C THR B 54 10.89 -8.72 -16.80
N VAL B 55 12.06 -8.17 -16.52
CA VAL B 55 12.58 -6.99 -17.19
C VAL B 55 13.70 -7.44 -18.13
N TYR B 56 13.57 -7.08 -19.41
CA TYR B 56 14.55 -7.44 -20.42
C TYR B 56 15.14 -6.18 -21.04
N THR B 57 16.29 -6.36 -21.70
CA THR B 57 16.92 -5.29 -22.46
C THR B 57 17.61 -5.91 -23.66
N LYS B 58 17.76 -5.12 -24.72
CA LYS B 58 18.36 -5.59 -25.96
C LYS B 58 19.86 -5.43 -25.92
N VAL B 59 20.59 -6.52 -26.14
CA VAL B 59 22.04 -6.52 -26.28
C VAL B 59 22.34 -7.15 -27.63
N ASP B 60 22.69 -6.33 -28.60
CA ASP B 60 22.99 -6.78 -29.96
C ASP B 60 21.82 -7.57 -30.54
N GLY B 61 20.62 -7.00 -30.44
CA GLY B 61 19.45 -7.53 -31.09
C GLY B 61 18.66 -8.57 -30.31
N VAL B 62 19.20 -9.10 -29.23
CA VAL B 62 18.53 -10.13 -28.46
C VAL B 62 18.25 -9.60 -27.05
N ASP B 63 17.22 -10.15 -26.43
CA ASP B 63 16.80 -9.72 -25.10
C ASP B 63 17.53 -10.51 -24.03
N VAL B 64 18.01 -9.81 -23.01
CA VAL B 64 18.70 -10.42 -21.87
C VAL B 64 17.91 -10.10 -20.62
N GLU B 65 17.64 -11.12 -19.81
CA GLU B 65 16.90 -10.91 -18.57
C GLU B 65 17.74 -10.14 -17.57
N LEU B 66 17.16 -9.07 -17.03
CA LEU B 66 17.83 -8.28 -16.00
C LEU B 66 17.26 -8.48 -14.60
N PHE B 67 15.97 -8.80 -14.48
CA PHE B 67 15.33 -8.89 -13.18
C PHE B 67 14.03 -9.67 -13.32
N GLU B 68 13.85 -10.66 -12.46
CA GLU B 68 12.62 -11.44 -12.39
C GLU B 68 11.88 -11.03 -11.11
N ASN B 69 10.70 -10.43 -11.27
CA ASN B 69 9.95 -9.91 -10.13
C ASN B 69 9.39 -11.06 -9.31
N LYS B 70 9.92 -11.24 -8.10
CA LYS B 70 9.39 -12.21 -7.16
C LYS B 70 8.59 -11.55 -6.04
N THR B 71 8.28 -10.27 -6.17
CA THR B 71 7.60 -9.51 -5.14
C THR B 71 6.12 -9.37 -5.47
N THR B 72 5.39 -8.71 -4.58
CA THR B 72 3.98 -8.43 -4.78
C THR B 72 3.74 -7.05 -5.40
N LEU B 73 4.80 -6.32 -5.73
CA LEU B 73 4.73 -5.01 -6.34
C LEU B 73 4.75 -5.15 -7.86
N PRO B 74 4.30 -4.12 -8.59
CA PRO B 74 4.44 -4.13 -10.04
C PRO B 74 5.89 -4.35 -10.45
N VAL B 75 6.08 -4.94 -11.63
CA VAL B 75 7.41 -5.39 -12.05
C VAL B 75 8.37 -4.21 -12.19
N ASN B 76 7.90 -3.11 -12.79
CA ASN B 76 8.78 -1.96 -12.97
C ASN B 76 9.13 -1.29 -11.65
N VAL B 77 8.21 -1.33 -10.69
CA VAL B 77 8.46 -0.71 -9.39
C VAL B 77 9.49 -1.53 -8.62
N ALA B 78 9.24 -2.84 -8.47
CA ALA B 78 10.17 -3.70 -7.74
C ALA B 78 11.56 -3.68 -8.37
N PHE B 79 11.62 -3.55 -9.70
CA PHE B 79 12.91 -3.47 -10.37
C PHE B 79 13.68 -2.23 -9.93
N GLU B 80 12.99 -1.08 -9.89
CA GLU B 80 13.63 0.15 -9.45
C GLU B 80 14.11 0.05 -8.00
N LEU B 81 13.30 -0.57 -7.14
CA LEU B 81 13.69 -0.71 -5.74
C LEU B 81 14.89 -1.63 -5.59
N TRP B 82 14.89 -2.76 -6.32
CA TRP B 82 16.03 -3.67 -6.24
C TRP B 82 17.31 -3.00 -6.76
N ALA B 83 17.19 -2.19 -7.82
CA ALA B 83 18.35 -1.47 -8.32
C ALA B 83 18.86 -0.47 -7.30
N LYS B 84 17.97 0.16 -6.54
CA LYS B 84 18.34 1.15 -5.55
C LYS B 84 18.53 0.54 -4.16
N ARG B 85 18.71 -0.76 -4.06
CA ARG B 85 18.94 -1.40 -2.78
C ARG B 85 20.26 -0.91 -2.18
N ASN B 86 20.36 -1.02 -0.85
CA ASN B 86 21.56 -0.59 -0.15
C ASN B 86 22.65 -1.64 -0.33
N ILE B 87 23.78 -1.23 -0.91
CA ILE B 87 24.89 -2.14 -1.19
C ILE B 87 25.96 -2.09 -0.11
N LYS B 88 25.66 -1.47 1.03
CA LYS B 88 26.57 -1.45 2.16
C LYS B 88 26.11 -2.44 3.22
N PRO B 89 27.00 -2.83 4.14
CA PRO B 89 26.59 -3.72 5.24
C PRO B 89 25.44 -3.11 6.03
N VAL B 90 24.31 -3.81 6.03
CA VAL B 90 23.10 -3.34 6.70
C VAL B 90 22.71 -4.38 7.72
N PRO B 91 21.95 -3.99 8.75
CA PRO B 91 21.44 -4.98 9.72
C PRO B 91 20.55 -6.01 9.03
N GLU B 92 20.59 -7.22 9.55
CA GLU B 92 19.74 -8.28 9.02
C GLU B 92 18.27 -7.96 9.30
N VAL B 93 17.40 -8.45 8.41
CA VAL B 93 15.99 -8.08 8.46
C VAL B 93 15.35 -8.53 9.76
N LYS B 94 15.78 -9.66 10.31
CA LYS B 94 15.22 -10.10 11.59
C LYS B 94 15.53 -9.11 12.70
N ILE B 95 16.68 -8.44 12.63
CA ILE B 95 16.99 -7.41 13.62
C ILE B 95 16.06 -6.22 13.47
N LEU B 96 15.89 -5.74 12.23
CA LEU B 96 15.00 -4.60 12.00
C LEU B 96 13.56 -4.94 12.34
N ASN B 97 13.15 -6.18 12.06
CA ASN B 97 11.79 -6.60 12.40
C ASN B 97 11.57 -6.64 13.90
N ASN B 98 12.53 -7.20 14.63
CA ASN B 98 12.40 -7.28 16.08
C ASN B 98 12.38 -5.91 16.75
N LEU B 99 12.86 -4.88 16.04
CA LEU B 99 12.86 -3.52 16.57
C LEU B 99 11.68 -2.71 16.04
N GLY B 100 10.77 -3.33 15.32
CA GLY B 100 9.59 -2.63 14.84
C GLY B 100 9.85 -1.62 13.74
N VAL B 101 10.90 -1.83 12.95
CA VAL B 101 11.19 -0.92 11.85
C VAL B 101 10.12 -1.07 10.78
N ASP B 102 9.52 0.06 10.38
CA ASP B 102 8.47 0.06 9.37
C ASP B 102 8.91 0.60 8.02
N ILE B 103 9.97 1.40 7.98
CA ILE B 103 10.40 2.06 6.75
C ILE B 103 11.84 2.50 6.92
N ALA B 104 12.51 2.77 5.81
CA ALA B 104 13.89 3.22 5.81
C ALA B 104 13.97 4.66 5.30
N ALA B 105 15.00 5.37 5.75
CA ALA B 105 15.18 6.78 5.41
C ALA B 105 16.11 6.88 4.20
N ASN B 106 15.51 7.17 3.04
CA ASN B 106 16.27 7.46 1.82
C ASN B 106 17.18 6.30 1.42
N THR B 107 16.67 5.08 1.57
CA THR B 107 17.40 3.89 1.13
C THR B 107 16.41 2.73 1.05
N VAL B 108 16.87 1.63 0.46
CA VAL B 108 16.08 0.42 0.33
C VAL B 108 16.85 -0.72 0.95
N ILE B 109 16.28 -1.35 1.98
CA ILE B 109 16.81 -2.58 2.55
C ILE B 109 16.16 -3.74 1.81
N TRP B 110 16.98 -4.51 1.10
CA TRP B 110 16.47 -5.60 0.28
C TRP B 110 16.46 -6.89 1.09
N ASP B 111 15.29 -7.52 1.19
CA ASP B 111 15.14 -8.78 1.90
C ASP B 111 15.47 -9.90 0.93
N TYR B 112 16.71 -10.38 0.99
CA TYR B 112 17.14 -11.46 0.12
C TYR B 112 16.49 -12.79 0.48
N LYS B 113 16.07 -12.96 1.73
CA LYS B 113 15.33 -14.16 2.11
C LYS B 113 14.01 -14.26 1.36
N ARG B 114 13.41 -13.12 1.03
CA ARG B 114 12.12 -13.07 0.35
C ARG B 114 12.24 -12.59 -1.09
N ASP B 115 13.43 -12.18 -1.53
CA ASP B 115 13.61 -11.60 -2.86
C ASP B 115 12.69 -10.41 -3.06
N ALA B 116 12.53 -9.60 -2.01
CA ALA B 116 11.56 -8.52 -2.00
C ALA B 116 12.07 -7.42 -1.09
N PRO B 117 11.54 -6.20 -1.23
CA PRO B 117 11.94 -5.14 -0.30
C PRO B 117 11.53 -5.50 1.13
N ALA B 118 12.39 -5.15 2.08
CA ALA B 118 12.09 -5.40 3.48
C ALA B 118 10.95 -4.53 3.99
N HIS B 119 10.62 -3.46 3.27
CA HIS B 119 9.58 -2.53 3.72
C HIS B 119 8.68 -2.16 2.56
N ILE B 120 7.42 -1.88 2.87
CA ILE B 120 6.43 -1.62 1.83
C ILE B 120 6.68 -0.27 1.16
N SER B 121 6.76 0.78 1.94
CA SER B 121 6.90 2.14 1.43
C SER B 121 8.35 2.60 1.50
N THR B 122 8.61 3.74 0.87
CA THR B 122 9.93 4.33 0.83
C THR B 122 9.83 5.82 1.13
N ILE B 123 10.98 6.44 1.38
CA ILE B 123 11.08 7.87 1.66
C ILE B 123 12.14 8.44 0.72
N GLY B 124 11.69 9.19 -0.29
CA GLY B 124 12.62 9.81 -1.22
C GLY B 124 13.43 8.82 -2.02
N VAL B 125 12.79 7.76 -2.53
CA VAL B 125 13.49 6.73 -3.29
C VAL B 125 12.79 6.49 -4.62
N CYS B 126 11.50 6.18 -4.58
CA CYS B 126 10.73 5.83 -5.77
C CYS B 126 9.41 6.57 -5.73
N SER B 127 9.07 7.23 -6.85
CA SER B 127 7.86 8.05 -6.89
C SER B 127 6.60 7.22 -6.68
N MET B 128 6.63 5.92 -7.02
CA MET B 128 5.46 5.08 -6.85
C MET B 128 5.26 4.64 -5.40
N THR B 129 6.34 4.41 -4.67
CA THR B 129 6.25 3.92 -3.29
C THR B 129 6.54 4.98 -2.25
N ASP B 130 6.94 6.18 -2.64
CA ASP B 130 7.24 7.23 -1.68
C ASP B 130 5.97 7.70 -0.98
N ILE B 131 6.01 7.69 0.36
CA ILE B 131 5.01 8.42 1.12
C ILE B 131 5.50 9.83 1.46
N ALA B 132 6.79 10.10 1.31
CA ALA B 132 7.36 11.40 1.60
C ALA B 132 8.74 11.48 0.94
N LYS B 133 9.21 12.71 0.73
CA LYS B 133 10.55 12.90 0.21
C LYS B 133 11.59 12.86 1.32
N LYS B 134 11.25 13.40 2.49
CA LYS B 134 12.15 13.49 3.63
C LYS B 134 11.49 12.88 4.85
N PRO B 135 12.27 12.24 5.72
CA PRO B 135 11.68 11.59 6.91
C PRO B 135 11.08 12.55 7.91
N THR B 136 11.32 13.85 7.79
CA THR B 136 10.79 14.84 8.72
C THR B 136 9.38 15.28 8.36
N GLU B 137 8.79 14.73 7.31
CA GLU B 137 7.43 15.08 6.94
C GLU B 137 6.43 14.44 7.90
N THR B 138 5.27 15.08 8.04
CA THR B 138 4.32 14.70 9.09
C THR B 138 3.83 13.27 8.93
N ILE B 139 3.81 12.75 7.69
CA ILE B 139 3.31 11.40 7.47
C ILE B 139 4.26 10.36 8.05
N CYS B 140 5.50 10.73 8.35
CA CYS B 140 6.50 9.79 8.86
C CYS B 140 6.61 9.80 10.38
N ALA B 141 5.79 10.60 11.07
CA ALA B 141 5.91 10.66 12.53
C ALA B 141 5.48 9.37 13.21
N PRO B 142 4.29 8.80 12.94
CA PRO B 142 3.90 7.58 13.65
C PRO B 142 4.67 6.34 13.22
N LEU B 143 5.49 6.42 12.17
CA LEU B 143 6.25 5.28 11.69
C LEU B 143 7.65 5.28 12.29
N THR B 144 8.16 4.07 12.53
CA THR B 144 9.52 3.89 13.06
C THR B 144 10.48 3.88 11.87
N VAL B 145 11.11 5.02 11.62
CA VAL B 145 12.00 5.17 10.47
C VAL B 145 13.40 4.66 10.83
N PHE B 146 14.00 3.91 9.93
CA PHE B 146 15.35 3.42 10.12
C PHE B 146 16.35 4.46 9.62
N PHE B 147 17.32 4.80 10.47
CA PHE B 147 18.31 5.82 10.17
C PHE B 147 19.70 5.20 10.16
N ASP B 148 20.53 5.62 9.20
CA ASP B 148 21.89 5.14 9.05
C ASP B 148 22.84 6.27 9.39
N GLY B 149 23.52 6.18 10.53
CA GLY B 149 24.44 7.20 10.97
C GLY B 149 25.65 7.39 10.06
N ARG B 150 25.91 6.44 9.17
CA ARG B 150 27.00 6.56 8.21
C ARG B 150 26.67 7.54 7.09
N VAL B 151 25.43 7.96 6.96
CA VAL B 151 25.02 8.95 5.97
C VAL B 151 24.91 10.30 6.65
N ASP B 152 25.42 11.35 5.98
CA ASP B 152 25.45 12.68 6.57
C ASP B 152 24.03 13.18 6.86
N GLY B 153 23.85 13.73 8.06
CA GLY B 153 22.60 14.34 8.44
C GLY B 153 21.56 13.41 9.01
N GLN B 154 21.78 12.09 8.96
CA GLN B 154 20.76 11.16 9.40
C GLN B 154 20.69 11.06 10.93
N VAL B 155 21.81 11.28 11.62
CA VAL B 155 21.78 11.29 13.08
C VAL B 155 20.88 12.41 13.58
N ASP B 156 21.01 13.60 13.00
CA ASP B 156 20.16 14.71 13.39
C ASP B 156 18.70 14.47 13.01
N LEU B 157 18.46 13.80 11.88
CA LEU B 157 17.10 13.42 11.54
C LEU B 157 16.51 12.44 12.54
N PHE B 158 17.36 11.59 13.14
CA PHE B 158 16.88 10.68 14.17
C PHE B 158 16.50 11.44 15.43
N ARG B 159 17.22 12.53 15.74
CA ARG B 159 16.89 13.33 16.91
C ARG B 159 15.53 14.01 16.76
N ASN B 160 15.19 14.41 15.53
CA ASN B 160 13.94 15.10 15.27
C ASN B 160 12.80 14.16 14.90
N ALA B 161 13.04 12.86 14.86
CA ALA B 161 12.01 11.90 14.50
C ALA B 161 11.25 11.46 15.74
N ARG B 162 9.93 11.30 15.59
CA ARG B 162 9.09 10.85 16.70
C ARG B 162 9.36 9.38 17.02
N ASN B 163 9.37 8.54 15.99
CA ASN B 163 9.71 7.13 16.13
C ASN B 163 10.81 6.80 15.15
N GLY B 164 11.82 6.08 15.61
CA GLY B 164 12.93 5.75 14.72
C GLY B 164 13.90 4.80 15.36
N VAL B 165 14.78 4.26 14.52
CA VAL B 165 15.87 3.39 14.92
C VAL B 165 17.13 3.86 14.22
N LEU B 166 18.23 3.96 14.96
CA LEU B 166 19.47 4.51 14.45
C LEU B 166 20.62 3.53 14.67
N ILE B 167 21.45 3.38 13.64
CA ILE B 167 22.69 2.61 13.73
C ILE B 167 23.86 3.54 13.42
N THR B 168 24.95 3.38 14.17
CA THR B 168 26.14 4.19 13.98
C THR B 168 27.37 3.31 14.14
N GLU B 169 28.49 3.77 13.56
CA GLU B 169 29.77 3.12 13.76
C GLU B 169 30.50 3.62 15.00
N GLY B 170 30.19 4.82 15.47
CA GLY B 170 30.79 5.36 16.68
C GLY B 170 29.75 5.83 17.67
N SER B 171 30.19 6.56 18.69
CA SER B 171 29.27 7.05 19.71
C SER B 171 28.58 8.33 19.26
N VAL B 172 27.33 8.49 19.69
CA VAL B 172 26.56 9.72 19.48
C VAL B 172 26.49 10.45 20.81
N LYS B 173 26.80 11.74 20.79
CA LYS B 173 26.93 12.50 22.03
C LYS B 173 25.60 12.53 22.79
N GLY B 174 25.64 12.05 24.03
CA GLY B 174 24.48 12.08 24.91
C GLY B 174 23.58 10.86 24.85
N LEU B 175 23.76 9.98 23.86
CA LEU B 175 22.88 8.84 23.66
C LEU B 175 23.53 7.58 24.24
N GLN B 176 22.76 6.85 25.04
CA GLN B 176 23.23 5.60 25.62
C GLN B 176 23.14 4.50 24.56
N PRO B 177 24.24 3.91 24.13
CA PRO B 177 24.22 3.00 22.99
C PRO B 177 23.84 1.58 23.40
N SER B 178 23.57 0.77 22.37
CA SER B 178 23.36 -0.66 22.52
C SER B 178 24.17 -1.36 21.44
N VAL B 179 25.17 -2.15 21.86
CA VAL B 179 26.06 -2.81 20.91
C VAL B 179 25.28 -3.89 20.16
N GLY B 180 25.29 -3.80 18.84
CA GLY B 180 24.59 -4.75 18.01
C GLY B 180 25.38 -6.03 17.78
N PRO B 181 24.86 -6.91 16.93
CA PRO B 181 25.56 -8.16 16.66
C PRO B 181 26.83 -7.93 15.87
N LYS B 182 27.69 -8.96 15.87
CA LYS B 182 28.97 -8.84 15.19
C LYS B 182 28.82 -8.84 13.68
N GLN B 183 27.80 -9.51 13.15
CA GLN B 183 27.66 -9.72 11.72
C GLN B 183 26.60 -8.79 11.12
N ALA B 184 26.69 -8.62 9.80
CA ALA B 184 25.73 -7.82 9.06
C ALA B 184 25.55 -8.41 7.68
N SER B 185 24.57 -7.89 6.95
CA SER B 185 24.22 -8.39 5.62
C SER B 185 24.81 -7.46 4.57
N LEU B 186 25.62 -8.01 3.67
CA LEU B 186 26.22 -7.26 2.57
C LEU B 186 25.81 -7.91 1.26
N ASN B 187 24.89 -7.28 0.54
CA ASN B 187 24.37 -7.82 -0.72
C ASN B 187 23.78 -9.21 -0.53
N GLY B 188 23.10 -9.41 0.60
CA GLY B 188 22.55 -10.70 0.93
C GLY B 188 23.51 -11.67 1.58
N VAL B 189 24.77 -11.26 1.78
CA VAL B 189 25.77 -12.13 2.38
C VAL B 189 25.97 -11.70 3.83
N THR B 190 25.63 -12.59 4.76
CA THR B 190 25.83 -12.33 6.18
C THR B 190 27.26 -12.68 6.55
N LEU B 191 27.98 -11.71 7.12
CA LEU B 191 29.40 -11.90 7.40
C LEU B 191 29.82 -10.99 8.55
N ILE B 192 30.91 -11.38 9.21
CA ILE B 192 31.57 -10.53 10.18
C ILE B 192 32.68 -9.79 9.45
N GLY B 193 32.54 -8.47 9.33
CA GLY B 193 33.40 -7.71 8.45
C GLY B 193 34.83 -7.69 8.93
N GLU B 194 35.75 -7.81 7.96
CA GLU B 194 37.18 -7.69 8.20
C GLU B 194 37.79 -6.53 7.42
N ALA B 195 37.46 -6.40 6.14
CA ALA B 195 37.78 -5.21 5.37
C ALA B 195 36.71 -4.14 5.48
N VAL B 196 35.63 -4.41 6.20
CA VAL B 196 34.55 -3.47 6.42
C VAL B 196 34.03 -3.66 7.84
N LYS B 197 33.32 -2.66 8.34
CA LYS B 197 32.76 -2.71 9.69
C LYS B 197 31.30 -3.15 9.63
N THR B 198 30.99 -4.21 10.38
CA THR B 198 29.65 -4.79 10.40
C THR B 198 28.95 -4.70 11.75
N GLN B 199 29.63 -4.25 12.80
CA GLN B 199 29.04 -4.12 14.13
C GLN B 199 28.71 -2.66 14.39
N PHE B 200 27.46 -2.39 14.78
CA PHE B 200 26.97 -1.05 14.96
C PHE B 200 26.43 -0.85 16.37
N ASN B 201 26.27 0.42 16.74
CA ASN B 201 25.51 0.80 17.92
C ASN B 201 24.07 1.05 17.52
N TYR B 202 23.14 0.67 18.38
CA TYR B 202 21.72 0.77 18.08
C TYR B 202 21.03 1.75 19.02
N TYR B 203 20.09 2.50 18.47
CA TYR B 203 19.32 3.49 19.21
C TYR B 203 17.88 3.43 18.76
N LYS B 204 16.95 3.64 19.69
CA LYS B 204 15.53 3.52 19.39
C LYS B 204 14.76 4.62 20.11
N LYS B 205 13.81 5.22 19.40
CA LYS B 205 12.92 6.24 19.95
C LYS B 205 11.48 5.82 19.74
N VAL B 206 10.66 6.03 20.77
CA VAL B 206 9.24 5.72 20.72
C VAL B 206 8.47 6.92 21.23
N ASP B 207 7.60 7.47 20.37
CA ASP B 207 6.79 8.65 20.71
C ASP B 207 7.66 9.83 21.14
N GLY B 208 8.80 9.99 20.48
CA GLY B 208 9.72 11.06 20.79
C GLY B 208 10.61 10.81 21.99
N VAL B 209 10.54 9.64 22.60
CA VAL B 209 11.32 9.31 23.80
C VAL B 209 12.31 8.21 23.45
N VAL B 210 13.58 8.43 23.77
CA VAL B 210 14.59 7.40 23.59
C VAL B 210 14.30 6.26 24.56
N GLN B 211 14.26 5.04 24.03
CA GLN B 211 13.95 3.86 24.82
C GLN B 211 15.22 3.06 25.10
N GLN B 212 15.32 2.56 26.32
CA GLN B 212 16.44 1.72 26.71
C GLN B 212 16.31 0.35 26.05
N LEU B 213 17.27 0.01 25.20
CA LEU B 213 17.22 -1.30 24.56
C LEU B 213 17.64 -2.38 25.55
N PRO B 214 16.92 -3.50 25.59
CA PRO B 214 17.18 -4.51 26.63
C PRO B 214 18.46 -5.29 26.37
N GLU B 215 18.99 -5.85 27.44
CA GLU B 215 20.12 -6.78 27.32
C GLU B 215 19.65 -8.03 26.61
N THR B 216 20.40 -8.45 25.58
CA THR B 216 19.92 -9.50 24.70
C THR B 216 21.07 -10.39 24.26
N TYR B 217 20.71 -11.60 23.83
CA TYR B 217 21.60 -12.47 23.08
C TYR B 217 21.46 -12.18 21.58
N PHE B 218 22.31 -12.81 20.79
CA PHE B 218 22.25 -12.68 19.34
C PHE B 218 22.45 -14.03 18.69
N THR B 219 21.63 -14.32 17.68
CA THR B 219 21.82 -15.52 16.89
C THR B 219 23.04 -15.39 16.00
N GLN B 220 23.65 -16.53 15.66
CA GLN B 220 24.90 -16.54 14.92
C GLN B 220 24.71 -16.43 13.41
N SER B 221 23.50 -16.67 12.91
CA SER B 221 23.17 -16.50 11.49
C SER B 221 24.04 -17.37 10.59
N ARG B 222 24.39 -18.56 11.05
CA ARG B 222 25.13 -19.51 10.23
C ARG B 222 24.16 -20.37 9.42
N ASN B 223 24.73 -21.15 8.51
CA ASN B 223 23.94 -22.02 7.64
C ASN B 223 24.35 -23.47 7.82
N LEU B 224 23.55 -24.37 7.24
CA LEU B 224 23.73 -25.80 7.44
C LEU B 224 25.05 -26.28 6.83
N GLN B 225 25.19 -26.10 5.51
CA GLN B 225 26.35 -26.65 4.81
C GLN B 225 27.64 -26.01 5.28
N GLU B 226 27.74 -24.70 5.16
CA GLU B 226 28.95 -23.96 5.54
C GLU B 226 29.00 -23.64 7.03
N PHE B 227 28.53 -24.55 7.88
CA PHE B 227 28.56 -24.29 9.32
C PHE B 227 29.98 -24.41 9.84
N LYS B 228 30.41 -23.43 10.64
CA LYS B 228 31.73 -23.41 11.23
C LYS B 228 31.61 -23.00 12.68
N PRO B 229 32.27 -23.70 13.60
CA PRO B 229 32.15 -23.36 15.02
C PRO B 229 32.84 -22.04 15.33
N ARG B 230 32.42 -21.44 16.45
CA ARG B 230 32.95 -20.15 16.87
C ARG B 230 33.38 -20.15 18.34
N SER B 231 33.58 -21.32 18.92
CA SER B 231 34.04 -21.42 20.30
C SER B 231 34.62 -22.82 20.51
N GLN B 232 35.50 -22.93 21.51
CA GLN B 232 36.09 -24.22 21.84
C GLN B 232 35.02 -25.23 22.23
N MET B 233 33.95 -24.78 22.90
CA MET B 233 32.85 -25.68 23.20
C MET B 233 32.20 -26.20 21.93
N GLU B 234 31.99 -25.33 20.94
CA GLU B 234 31.42 -25.77 19.67
C GLU B 234 32.39 -26.66 18.89
N ILE B 235 33.70 -26.52 19.13
CA ILE B 235 34.66 -27.43 18.51
C ILE B 235 34.60 -28.80 19.19
N ASP B 236 34.46 -28.81 20.51
CA ASP B 236 34.37 -30.08 21.24
C ASP B 236 33.09 -30.81 20.89
N PHE B 237 31.99 -30.09 20.68
CA PHE B 237 30.73 -30.73 20.35
C PHE B 237 30.82 -31.49 19.03
N LEU B 238 31.56 -30.95 18.06
CA LEU B 238 31.62 -31.57 16.74
C LEU B 238 32.63 -32.70 16.70
N GLU B 239 33.77 -32.55 17.36
CA GLU B 239 34.81 -33.58 17.31
C GLU B 239 34.50 -34.73 18.26
N LEU B 240 34.06 -34.43 19.48
CA LEU B 240 33.87 -35.45 20.49
C LEU B 240 32.48 -36.06 20.39
N ALA B 241 32.25 -37.09 21.21
CA ALA B 241 30.96 -37.75 21.32
C ALA B 241 30.16 -37.17 22.48
N MET B 242 28.87 -37.49 22.51
CA MET B 242 27.97 -36.88 23.48
C MET B 242 28.35 -37.25 24.91
N ASP B 243 28.58 -38.54 25.16
CA ASP B 243 28.89 -38.98 26.53
C ASP B 243 30.14 -38.30 27.06
N GLU B 244 31.12 -38.05 26.18
CA GLU B 244 32.31 -37.32 26.63
C GLU B 244 32.05 -35.83 26.70
N PHE B 245 31.22 -35.30 25.79
CA PHE B 245 30.91 -33.88 25.82
C PHE B 245 30.07 -33.52 27.04
N ILE B 246 29.10 -34.36 27.40
CA ILE B 246 28.25 -34.10 28.55
C ILE B 246 29.08 -34.12 29.83
N GLU B 247 30.07 -35.02 29.91
CA GLU B 247 30.90 -35.10 31.10
C GLU B 247 31.88 -33.93 31.20
N ARG B 248 32.50 -33.56 30.09
CA ARG B 248 33.49 -32.48 30.13
C ARG B 248 32.85 -31.14 30.51
N TYR B 249 31.64 -30.88 30.01
CA TYR B 249 30.95 -29.63 30.28
C TYR B 249 29.83 -29.78 31.30
N LYS B 250 29.73 -30.93 31.96
CA LYS B 250 28.86 -31.11 33.13
C LYS B 250 27.40 -30.80 32.79
N LEU B 251 26.87 -31.51 31.80
CA LEU B 251 25.52 -31.29 31.30
C LEU B 251 24.59 -32.45 31.62
N GLU B 252 24.88 -33.18 32.69
CA GLU B 252 24.01 -34.28 33.10
C GLU B 252 22.69 -33.73 33.64
N GLY B 253 21.59 -34.35 33.21
CA GLY B 253 20.27 -33.97 33.67
C GLY B 253 19.61 -32.87 32.86
N TYR B 254 20.31 -32.26 31.91
CA TYR B 254 19.75 -31.19 31.10
C TYR B 254 19.21 -31.67 29.75
N ALA B 255 19.24 -32.98 29.50
CA ALA B 255 18.74 -33.56 28.24
C ALA B 255 19.38 -32.90 27.04
N PHE B 256 20.70 -32.66 27.12
CA PHE B 256 21.38 -31.91 26.08
C PHE B 256 21.43 -32.67 24.76
N GLU B 257 21.47 -34.01 24.81
CA GLU B 257 21.47 -34.78 23.58
C GLU B 257 20.12 -34.73 22.88
N HIS B 258 19.05 -34.93 23.65
CA HIS B 258 17.71 -34.87 23.05
C HIS B 258 17.43 -33.51 22.45
N ILE B 259 17.83 -32.44 23.14
CA ILE B 259 17.51 -31.09 22.68
C ILE B 259 18.38 -30.70 21.50
N VAL B 260 19.69 -30.95 21.60
CA VAL B 260 20.63 -30.50 20.57
C VAL B 260 20.83 -31.56 19.50
N TYR B 261 21.20 -32.77 19.91
CA TYR B 261 21.50 -33.80 18.91
C TYR B 261 20.22 -34.40 18.31
N GLY B 262 19.20 -34.59 19.12
CA GLY B 262 17.92 -35.08 18.63
C GLY B 262 17.79 -36.59 18.75
N ASP B 263 16.54 -37.05 18.68
CA ASP B 263 16.21 -38.47 18.78
C ASP B 263 15.53 -38.90 17.48
N PHE B 264 16.09 -39.92 16.84
CA PHE B 264 15.60 -40.42 15.56
C PHE B 264 15.02 -41.82 15.68
N SER B 265 14.73 -42.28 16.89
CA SER B 265 14.35 -43.66 17.13
C SER B 265 12.86 -43.92 16.95
N HIS B 266 12.03 -42.87 16.88
CA HIS B 266 10.59 -43.04 16.79
C HIS B 266 10.05 -42.30 15.57
N SER B 267 8.75 -42.47 15.34
CA SER B 267 8.11 -41.86 14.17
C SER B 267 8.25 -40.34 14.20
N GLN B 268 7.95 -39.73 15.34
CA GLN B 268 8.12 -38.30 15.51
C GLN B 268 9.56 -38.01 15.94
N LEU B 269 10.22 -37.13 15.22
CA LEU B 269 11.59 -36.76 15.56
C LEU B 269 11.59 -35.99 16.88
N GLY B 270 12.50 -36.38 17.78
CA GLY B 270 12.55 -35.79 19.11
C GLY B 270 13.63 -34.72 19.20
N GLY B 271 13.24 -33.57 19.70
CA GLY B 271 14.21 -32.52 19.98
C GLY B 271 14.80 -31.93 18.71
N LEU B 272 16.12 -31.78 18.71
CA LEU B 272 16.86 -31.17 17.60
C LEU B 272 16.39 -29.75 17.36
N HIS B 273 16.84 -28.81 18.19
CA HIS B 273 16.41 -27.42 18.10
C HIS B 273 17.56 -26.42 18.00
N LEU B 274 18.80 -26.86 18.04
CA LEU B 274 19.97 -26.00 17.88
C LEU B 274 20.59 -26.27 16.52
N LEU B 275 20.91 -25.19 15.79
CA LEU B 275 21.43 -25.34 14.43
C LEU B 275 22.73 -26.12 14.40
N ILE B 276 23.56 -25.98 15.43
CA ILE B 276 24.81 -26.73 15.47
C ILE B 276 24.54 -28.24 15.50
N GLY B 277 23.42 -28.64 16.12
CA GLY B 277 23.05 -30.05 16.08
C GLY B 277 22.64 -30.50 14.70
N LEU B 278 21.92 -29.65 13.96
CA LEU B 278 21.55 -29.98 12.59
C LEU B 278 22.77 -30.13 11.71
N ALA B 279 23.78 -29.26 11.91
CA ALA B 279 24.98 -29.33 11.09
C ALA B 279 25.74 -30.62 11.33
N LYS B 280 25.80 -31.08 12.59
CA LYS B 280 26.49 -32.32 12.89
C LYS B 280 25.79 -33.51 12.25
N ARG B 281 24.47 -33.54 12.31
CA ARG B 281 23.73 -34.64 11.70
C ARG B 281 23.81 -34.60 10.18
N PHE B 282 23.81 -33.40 9.60
CA PHE B 282 23.76 -33.28 8.15
C PHE B 282 25.01 -33.84 7.48
N LYS B 283 26.17 -33.61 8.09
CA LYS B 283 27.41 -34.13 7.52
C LYS B 283 27.48 -35.64 7.59
N GLU B 284 26.74 -36.26 8.52
CA GLU B 284 26.74 -37.71 8.67
C GLU B 284 25.66 -38.35 7.79
N SER B 285 24.40 -37.94 7.98
CA SER B 285 23.29 -38.44 7.20
C SER B 285 22.45 -37.26 6.72
N PRO B 286 22.14 -37.19 5.43
CA PRO B 286 21.37 -36.04 4.93
C PRO B 286 19.92 -36.09 5.39
N PHE B 287 19.30 -34.91 5.39
CA PHE B 287 17.89 -34.78 5.72
C PHE B 287 17.31 -33.61 4.94
N GLU B 288 15.99 -33.55 4.89
CA GLU B 288 15.27 -32.54 4.13
C GLU B 288 14.65 -31.52 5.08
N LEU B 289 14.75 -30.24 4.73
CA LEU B 289 14.17 -29.16 5.50
C LEU B 289 13.26 -28.34 4.59
N GLU B 290 11.99 -28.27 4.92
CA GLU B 290 11.04 -27.43 4.18
C GLU B 290 10.81 -26.16 4.96
N ASP B 291 11.39 -25.06 4.47
CA ASP B 291 11.19 -23.73 5.07
C ASP B 291 9.84 -23.21 4.61
N PHE B 292 8.79 -23.68 5.28
CA PHE B 292 7.43 -23.34 4.85
C PHE B 292 7.05 -21.91 5.19
N ILE B 293 7.87 -21.20 5.96
CA ILE B 293 7.72 -19.76 6.12
C ILE B 293 9.04 -19.12 5.69
N PRO B 294 9.29 -18.99 4.38
CA PRO B 294 10.59 -18.50 3.93
C PRO B 294 10.80 -17.02 4.20
N MET B 295 11.27 -16.70 5.40
CA MET B 295 11.56 -15.33 5.77
C MET B 295 12.69 -15.34 6.79
N ASP B 296 13.27 -14.16 7.00
CA ASP B 296 14.32 -14.01 8.00
C ASP B 296 13.68 -13.81 9.37
N SER B 297 13.98 -14.70 10.31
CA SER B 297 13.44 -14.59 11.65
C SER B 297 14.43 -15.22 12.62
N THR B 298 14.34 -14.79 13.88
CA THR B 298 15.23 -15.30 14.91
C THR B 298 15.06 -16.79 15.10
N VAL B 299 13.82 -17.26 15.16
CA VAL B 299 13.49 -18.68 15.26
C VAL B 299 12.91 -19.13 13.94
N LYS B 300 13.50 -20.16 13.35
CA LYS B 300 13.04 -20.72 12.09
C LYS B 300 12.34 -22.05 12.35
N ASN B 301 11.22 -22.26 11.67
CA ASN B 301 10.46 -23.50 11.75
C ASN B 301 10.61 -24.28 10.45
N TYR B 302 10.80 -25.59 10.57
CA TYR B 302 11.01 -26.44 9.41
C TYR B 302 10.21 -27.72 9.56
N PHE B 303 9.80 -28.27 8.41
CA PHE B 303 9.25 -29.61 8.31
C PHE B 303 10.40 -30.52 7.90
N ILE B 304 10.89 -31.34 8.85
CA ILE B 304 12.11 -32.11 8.68
C ILE B 304 11.77 -33.57 8.46
N THR B 305 12.49 -34.21 7.54
CA THR B 305 12.35 -35.64 7.27
C THR B 305 13.76 -36.24 7.16
N ASP B 306 14.08 -37.17 8.04
CA ASP B 306 15.39 -37.81 7.99
C ASP B 306 15.41 -38.89 6.92
N ALA B 307 16.43 -38.83 6.07
CA ALA B 307 16.44 -39.71 4.91
C ALA B 307 16.81 -41.15 5.28
N GLN B 308 17.57 -41.35 6.36
CA GLN B 308 18.03 -42.68 6.72
C GLN B 308 17.00 -43.45 7.55
N THR B 309 16.45 -42.82 8.58
CA THR B 309 15.55 -43.49 9.51
C THR B 309 14.08 -43.33 9.17
N GLY B 310 13.69 -42.19 8.60
CA GLY B 310 12.30 -41.89 8.37
C GLY B 310 11.63 -41.09 9.46
N SER B 311 12.34 -40.78 10.54
CA SER B 311 11.78 -39.96 11.60
C SER B 311 11.54 -38.54 11.08
N SER B 312 10.42 -37.95 11.50
CA SER B 312 10.03 -36.65 10.96
C SER B 312 9.30 -35.86 12.03
N LYS B 313 8.99 -34.60 11.68
CA LYS B 313 8.27 -33.68 12.54
C LYS B 313 7.81 -32.49 11.71
N CYS B 314 6.53 -32.15 11.84
CA CYS B 314 5.96 -31.10 10.99
C CYS B 314 6.53 -29.73 11.35
N VAL B 315 6.52 -29.38 12.63
CA VAL B 315 6.99 -28.08 13.10
C VAL B 315 8.17 -28.34 14.02
N CYS B 316 9.38 -28.03 13.56
CA CYS B 316 10.59 -28.16 14.35
C CYS B 316 11.25 -26.79 14.43
N SER B 317 11.18 -26.17 15.60
CA SER B 317 11.76 -24.85 15.81
C SER B 317 13.27 -24.97 15.98
N VAL B 318 14.01 -24.18 15.20
CA VAL B 318 15.47 -24.18 15.22
C VAL B 318 15.96 -22.77 15.44
N ILE B 319 17.02 -22.62 16.22
CA ILE B 319 17.63 -21.33 16.48
C ILE B 319 19.15 -21.49 16.49
N ASP B 320 19.85 -20.50 15.95
CA ASP B 320 21.30 -20.57 15.81
C ASP B 320 21.96 -19.71 16.89
N LEU B 321 21.92 -20.22 18.12
CA LEU B 321 22.63 -19.60 19.23
C LEU B 321 24.01 -20.22 19.37
N LEU B 322 24.95 -19.42 19.85
CA LEU B 322 26.24 -19.96 20.25
C LEU B 322 26.02 -20.98 21.35
N LEU B 323 26.66 -22.14 21.22
CA LEU B 323 26.43 -23.23 22.17
C LEU B 323 26.73 -22.79 23.59
N ASP B 324 27.74 -21.93 23.78
CA ASP B 324 28.04 -21.43 25.10
C ASP B 324 26.88 -20.62 25.66
N ASP B 325 26.21 -19.85 24.81
CA ASP B 325 25.07 -19.06 25.26
C ASP B 325 23.90 -19.96 25.64
N PHE B 326 23.63 -21.00 24.86
CA PHE B 326 22.53 -21.90 25.18
C PHE B 326 22.80 -22.64 26.48
N VAL B 327 24.04 -23.05 26.71
CA VAL B 327 24.40 -23.69 27.97
C VAL B 327 24.14 -22.74 29.13
N GLU B 328 24.52 -21.47 28.97
CA GLU B 328 24.25 -20.47 30.00
C GLU B 328 22.76 -20.28 30.24
N ILE B 329 21.96 -20.41 29.18
CA ILE B 329 20.52 -20.18 29.32
C ILE B 329 19.85 -21.35 30.04
N ILE B 330 20.15 -22.58 29.61
CA ILE B 330 19.44 -23.74 30.14
C ILE B 330 19.81 -24.00 31.59
N LYS B 331 21.04 -23.68 32.00
CA LYS B 331 21.46 -23.98 33.35
C LYS B 331 20.89 -23.00 34.38
N SER B 332 20.48 -21.81 33.96
CA SER B 332 19.91 -20.84 34.88
C SER B 332 18.43 -21.06 35.14
N GLN B 333 17.87 -22.18 34.67
CA GLN B 333 16.45 -22.43 34.79
C GLN B 333 16.13 -23.24 36.03
N ASP B 334 14.93 -23.01 36.57
CA ASP B 334 14.45 -23.74 37.74
C ASP B 334 13.83 -25.05 37.28
N LEU B 335 14.46 -26.17 37.66
CA LEU B 335 14.06 -27.49 37.21
C LEU B 335 13.05 -28.16 38.14
N SER B 336 12.37 -27.38 38.99
CA SER B 336 11.43 -27.93 39.94
C SER B 336 9.98 -27.80 39.49
N VAL B 337 9.75 -27.44 38.23
CA VAL B 337 8.40 -27.24 37.69
C VAL B 337 8.24 -28.13 36.48
N VAL B 338 7.05 -28.72 36.34
CA VAL B 338 6.79 -29.63 35.23
C VAL B 338 6.81 -28.88 33.90
N SER B 339 6.25 -27.67 33.86
CA SER B 339 6.20 -26.90 32.63
C SER B 339 5.99 -25.44 32.96
N LYS B 340 6.75 -24.57 32.28
CA LYS B 340 6.57 -23.13 32.40
C LYS B 340 7.17 -22.47 31.17
N VAL B 341 6.66 -21.29 30.84
CA VAL B 341 7.14 -20.53 29.69
C VAL B 341 8.31 -19.66 30.15
N VAL B 342 9.45 -19.81 29.47
CA VAL B 342 10.66 -19.06 29.77
C VAL B 342 10.87 -18.03 28.69
N LYS B 343 10.84 -16.76 29.07
CA LYS B 343 11.03 -15.65 28.14
C LYS B 343 12.50 -15.26 28.13
N VAL B 344 13.13 -15.33 26.95
CA VAL B 344 14.52 -14.96 26.78
C VAL B 344 14.61 -13.87 25.74
N THR B 345 15.39 -12.83 26.02
CA THR B 345 15.58 -11.72 25.10
C THR B 345 16.70 -12.08 24.13
N ILE B 346 16.34 -12.33 22.88
CA ILE B 346 17.29 -12.68 21.82
C ILE B 346 16.99 -11.80 20.61
N ASP B 347 18.03 -11.20 20.04
CA ASP B 347 17.90 -10.29 18.91
C ASP B 347 16.90 -9.18 19.23
N TYR B 348 16.96 -8.66 20.44
CA TYR B 348 16.15 -7.57 20.97
C TYR B 348 14.67 -7.91 21.08
N THR B 349 14.29 -9.18 20.97
CA THR B 349 12.90 -9.58 21.10
C THR B 349 12.79 -10.70 22.12
N GLU B 350 11.61 -10.80 22.73
CA GLU B 350 11.35 -11.79 23.76
C GLU B 350 10.96 -13.11 23.12
N ILE B 351 11.81 -14.12 23.26
CA ILE B 351 11.56 -15.45 22.69
C ILE B 351 11.07 -16.36 23.80
N SER B 352 9.91 -16.99 23.58
CA SER B 352 9.30 -17.87 24.57
C SER B 352 9.77 -19.31 24.34
N PHE B 353 10.29 -19.92 25.40
CA PHE B 353 10.75 -21.29 25.38
C PHE B 353 9.81 -22.17 26.19
N MET B 354 9.56 -23.37 25.70
CA MET B 354 8.81 -24.38 26.44
C MET B 354 9.78 -25.27 27.19
N LEU B 355 9.67 -25.31 28.52
CA LEU B 355 10.57 -26.08 29.37
C LEU B 355 9.77 -27.17 30.07
N TRP B 356 10.13 -28.42 29.80
CA TRP B 356 9.51 -29.57 30.44
C TRP B 356 10.53 -30.24 31.35
N CYS B 357 10.16 -30.43 32.61
CA CYS B 357 11.04 -31.05 33.59
C CYS B 357 10.31 -32.17 34.31
N LYS B 358 11.09 -33.03 34.96
CA LYS B 358 10.54 -34.13 35.75
C LYS B 358 11.64 -34.65 36.66
N ASP B 359 11.34 -34.77 37.96
CA ASP B 359 12.25 -35.34 38.94
C ASP B 359 13.61 -34.63 38.93
N GLY B 360 13.56 -33.30 38.79
CA GLY B 360 14.76 -32.50 38.86
C GLY B 360 15.62 -32.49 37.62
N HIS B 361 15.23 -33.20 36.56
CA HIS B 361 15.97 -33.21 35.32
C HIS B 361 15.11 -32.63 34.20
N VAL B 362 15.78 -32.17 33.15
CA VAL B 362 15.09 -31.57 32.01
C VAL B 362 14.57 -32.67 31.10
N GLU B 363 13.29 -32.57 30.73
CA GLU B 363 12.76 -33.45 29.69
C GLU B 363 13.05 -32.90 28.31
N THR B 364 12.60 -31.68 28.03
CA THR B 364 12.88 -31.01 26.78
C THR B 364 12.83 -29.51 27.00
N PHE B 365 13.34 -28.77 26.02
CA PHE B 365 13.43 -27.31 26.14
C PHE B 365 13.55 -26.74 24.72
N TYR B 366 12.44 -26.26 24.18
CA TYR B 366 12.41 -25.82 22.79
C TYR B 366 11.76 -24.45 22.67
N PRO B 367 12.19 -23.66 21.69
CA PRO B 367 11.53 -22.38 21.42
C PRO B 367 10.22 -22.58 20.70
N LYS B 368 9.44 -21.51 20.62
CA LYS B 368 8.16 -21.53 19.93
C LYS B 368 8.17 -20.56 18.77
N LEU B 369 7.27 -20.83 17.82
CA LEU B 369 7.12 -19.96 16.65
C LEU B 369 6.74 -18.55 17.09
N GLN B 370 7.44 -17.56 16.55
CA GLN B 370 7.21 -16.17 16.90
C GLN B 370 5.82 -15.70 16.46
#